data_6DZ5
#
_entry.id   6DZ5
#
_cell.length_a   59.880
_cell.length_b   132.810
_cell.length_c   145.370
_cell.angle_alpha   90.000
_cell.angle_beta   90.000
_cell.angle_gamma   90.000
#
_symmetry.space_group_name_H-M   'P 2 21 21'
#
loop_
_entity.id
_entity.type
_entity.pdbx_description
1 polymer 'Tyrosine phenol-lyase'
2 non-polymer 'POTASSIUM ION'
3 non-polymer '(2E)-3-(3-fluoro-4-hydroxyphenyl)-2-{[(Z)-{3-hydroxy-2-methyl-5-[(phosphonooxy)methyl]pyridin-4(1H)-ylidene}methyl]imino}propanoic acid'
4 non-polymer 3,6,9,12,15,18-HEXAOXAICOSANE-1,20-DIOL
5 water water
#
_entity_poly.entity_id   1
_entity_poly.type   'polypeptide(L)'
_entity_poly.pdbx_seq_one_letter_code
;MNYPAEPFRIKSVETVSMIPRDERLKKMQEAGYNTFLLNSKDIYIDLLTDSGTNAMSDKQWAGMMMGDEAYAGSENFYHL
ERTVQELFGFKHIVPTHQGRGAENLLSQLAIKPGQYVAGNMYFTTTRYHQEKNGAVFVDIVRDEAHDAGLNIAFKGDIDL
KKLQKLIDEKGAENIAYICLAVTVNLAGGQPVSMANMRAVRELTAAHGIKVFYDATRCVENAYFIKEQEQGFENKSIAEI
VHEMFSYADGCTMSGKKDCLVNIGGFLCMNDDEMFSSAKELVVVYEGMPSYGGLAGRDMEAMAIGLREAMQYEYIEHRVK
QVRYLGDKLKAAGVPIVEPVGGHAVFLDARRFCEHLTQDEFPAQSLAASIYVETGVRSMERGIISAGRNNVTGEHHRPKL
ETVRLTIPRRVYTYAHMDVVADGIIKLYQHKEDIRGLKFIYEPKQLRAFTARFDYI
;
_entity_poly.pdbx_strand_id   A,B
#
loop_
_chem_comp.id
_chem_comp.type
_chem_comp.name
_chem_comp.formula
K non-polymer 'POTASSIUM ION' 'K 1'
P33 non-polymer 3,6,9,12,15,18-HEXAOXAICOSANE-1,20-DIOL 'C14 H30 O8'
P61 non-polymer '(2E)-3-(3-fluoro-4-hydroxyphenyl)-2-{[(Z)-{3-hydroxy-2-methyl-5-[(phosphonooxy)methyl]pyridin-4(1H)-ylidene}methyl]imino}propanoic acid' 'C17 H18 F N2 O8 P'
#
# COMPACT_ATOMS: atom_id res chain seq x y z
N ASN A 2 27.77 -15.54 26.46
CA ASN A 2 28.37 -14.78 25.37
C ASN A 2 27.28 -14.23 24.46
N TYR A 3 26.99 -15.00 23.41
CA TYR A 3 25.98 -14.68 22.42
C TYR A 3 24.92 -15.77 22.46
N PRO A 4 23.66 -15.46 22.71
CA PRO A 4 22.67 -16.52 22.89
C PRO A 4 22.30 -17.17 21.57
N ALA A 5 21.94 -18.45 21.66
CA ALA A 5 21.41 -19.16 20.51
C ALA A 5 20.04 -18.62 20.14
N GLU A 6 19.60 -18.96 18.93
CA GLU A 6 18.30 -18.51 18.46
C GLU A 6 17.21 -18.99 19.40
N PRO A 7 16.34 -18.09 19.91
CA PRO A 7 15.24 -18.49 20.80
C PRO A 7 14.02 -19.00 20.03
N PHE A 8 14.28 -19.86 19.04
CA PHE A 8 13.27 -20.43 18.18
C PHE A 8 13.91 -21.56 17.39
N ARG A 9 13.08 -22.39 16.78
CA ARG A 9 13.51 -23.40 15.85
C ARG A 9 13.17 -22.95 14.43
N ILE A 10 13.87 -23.53 13.47
CA ILE A 10 13.55 -23.30 12.06
C ILE A 10 12.33 -24.15 11.72
N LYS A 11 11.27 -23.50 11.24
CA LYS A 11 10.07 -24.21 10.80
C LYS A 11 10.14 -24.54 9.32
N SER A 12 10.54 -23.58 8.49
CA SER A 12 10.69 -23.80 7.06
C SER A 12 11.89 -23.02 6.55
N VAL A 13 12.50 -23.51 5.48
CA VAL A 13 13.72 -22.93 4.95
C VAL A 13 13.43 -22.35 3.58
N GLU A 14 14.30 -21.43 3.15
CA GLU A 14 14.21 -20.76 1.87
C GLU A 14 15.37 -21.22 1.00
N THR A 15 15.06 -21.65 -0.23
CA THR A 15 16.08 -22.13 -1.14
C THR A 15 16.95 -20.98 -1.62
N VAL A 16 18.26 -21.21 -1.66
CA VAL A 16 19.22 -20.24 -2.16
C VAL A 16 20.08 -20.89 -3.23
N SER A 17 20.67 -20.05 -4.07
CA SER A 17 21.58 -20.49 -5.12
C SER A 17 23.01 -20.29 -4.65
N MET A 18 23.79 -21.37 -4.63
CA MET A 18 25.21 -21.32 -4.25
C MET A 18 26.08 -21.22 -5.50
N ILE A 19 26.05 -20.04 -6.12
CA ILE A 19 26.85 -19.83 -7.33
C ILE A 19 28.28 -19.52 -6.91
N PRO A 20 29.28 -20.00 -7.64
CA PRO A 20 30.68 -19.76 -7.25
C PRO A 20 31.10 -18.33 -7.57
N ARG A 21 32.33 -18.00 -7.14
CA ARG A 21 32.84 -16.64 -7.31
C ARG A 21 32.84 -16.23 -8.78
N ASP A 22 33.23 -17.13 -9.68
CA ASP A 22 33.28 -16.80 -11.10
C ASP A 22 31.91 -16.41 -11.62
N GLU A 23 30.87 -17.12 -11.18
CA GLU A 23 29.51 -16.75 -11.56
C GLU A 23 29.11 -15.41 -10.95
N ARG A 24 29.41 -15.21 -9.66
CA ARG A 24 29.10 -13.93 -9.01
C ARG A 24 29.79 -12.77 -9.70
N LEU A 25 31.03 -12.97 -10.14
CA LEU A 25 31.73 -11.91 -10.86
C LEU A 25 30.98 -11.53 -12.14
N LYS A 26 30.47 -12.52 -12.87
CA LYS A 26 29.66 -12.23 -14.05
C LYS A 26 28.35 -11.55 -13.65
N LYS A 27 27.72 -12.00 -12.56
CA LYS A 27 26.48 -11.36 -12.12
C LYS A 27 26.71 -9.90 -11.74
N MET A 28 27.81 -9.62 -11.04
CA MET A 28 28.07 -8.23 -10.63
C MET A 28 28.37 -7.36 -11.84
N GLN A 29 29.10 -7.91 -12.82
CA GLN A 29 29.35 -7.16 -14.05
C GLN A 29 28.06 -6.90 -14.81
N GLU A 30 27.20 -7.91 -14.90
CA GLU A 30 25.88 -7.72 -15.52
C GLU A 30 25.08 -6.64 -14.80
N ALA A 31 25.21 -6.58 -13.47
CA ALA A 31 24.54 -5.56 -12.69
C ALA A 31 25.25 -4.21 -12.71
N GLY A 32 26.36 -4.10 -13.43
CA GLY A 32 27.08 -2.84 -13.50
C GLY A 32 27.67 -2.38 -12.19
N TYR A 33 28.03 -3.31 -11.31
CA TYR A 33 28.64 -3.02 -10.01
C TYR A 33 27.74 -2.20 -9.09
N ASN A 34 26.43 -2.21 -9.32
CA ASN A 34 25.46 -1.58 -8.43
C ASN A 34 24.67 -2.70 -7.76
N THR A 35 24.85 -2.83 -6.44
CA THR A 35 24.19 -3.90 -5.71
C THR A 35 22.67 -3.77 -5.75
N PHE A 36 22.16 -2.55 -5.93
CA PHE A 36 20.71 -2.36 -6.04
C PHE A 36 20.13 -3.04 -7.26
N LEU A 37 20.96 -3.35 -8.27
CA LEU A 37 20.50 -3.94 -9.51
C LEU A 37 20.73 -5.44 -9.59
N LEU A 38 21.22 -6.06 -8.51
CA LEU A 38 21.39 -7.51 -8.50
C LEU A 38 20.05 -8.20 -8.35
N ASN A 39 19.91 -9.35 -9.00
CA ASN A 39 18.72 -10.18 -8.86
C ASN A 39 18.78 -10.96 -7.55
N SER A 40 17.62 -11.08 -6.88
CA SER A 40 17.56 -11.82 -5.63
C SER A 40 18.01 -13.27 -5.80
N LYS A 41 17.66 -13.89 -6.93
CA LYS A 41 18.00 -15.29 -7.15
C LYS A 41 19.49 -15.54 -7.25
N ASP A 42 20.32 -14.49 -7.40
CA ASP A 42 21.76 -14.64 -7.53
C ASP A 42 22.50 -14.29 -6.24
N ILE A 43 21.82 -14.24 -5.11
CA ILE A 43 22.39 -13.75 -3.86
C ILE A 43 22.25 -14.83 -2.79
N TYR A 44 23.37 -15.10 -2.10
CA TYR A 44 23.36 -16.07 -1.00
C TYR A 44 22.80 -15.43 0.27
N ILE A 45 23.42 -14.36 0.74
CA ILE A 45 23.01 -13.65 1.95
C ILE A 45 22.69 -12.22 1.54
N ASP A 46 21.42 -11.83 1.63
CA ASP A 46 20.97 -10.53 1.15
C ASP A 46 20.83 -9.60 2.35
N LEU A 47 21.85 -8.78 2.57
CA LEU A 47 21.87 -7.80 3.65
C LEU A 47 21.59 -6.38 3.15
N LEU A 48 20.76 -6.26 2.11
CA LEU A 48 20.46 -4.94 1.56
C LEU A 48 19.67 -4.09 2.54
N THR A 49 18.69 -4.68 3.21
CA THR A 49 17.87 -3.97 4.18
C THR A 49 17.20 -4.96 5.12
N ASP A 50 16.84 -4.47 6.30
CA ASP A 50 16.01 -5.21 7.24
C ASP A 50 14.53 -4.89 7.10
N SER A 51 14.15 -4.18 6.03
CA SER A 51 12.78 -3.74 5.83
C SER A 51 12.02 -4.77 5.01
N GLY A 52 11.01 -5.39 5.62
CA GLY A 52 10.14 -6.32 4.90
C GLY A 52 10.77 -7.63 4.54
N THR A 53 11.99 -7.91 5.02
CA THR A 53 12.71 -9.13 4.69
C THR A 53 12.71 -10.14 5.84
N ASN A 54 11.88 -9.93 6.85
CA ASN A 54 11.90 -10.75 8.06
C ASN A 54 11.23 -12.10 7.81
N ALA A 55 11.60 -13.07 8.64
CA ALA A 55 10.95 -14.37 8.65
C ALA A 55 9.81 -14.35 9.67
N MET A 56 8.62 -14.74 9.23
CA MET A 56 7.48 -14.80 10.13
C MET A 56 7.47 -16.11 10.91
N SER A 57 6.65 -16.15 11.96
CA SER A 57 6.53 -17.33 12.79
C SER A 57 5.37 -18.20 12.32
N ASP A 58 5.33 -19.44 12.83
CA ASP A 58 4.19 -20.31 12.58
C ASP A 58 2.89 -19.69 13.06
N LYS A 59 2.93 -18.98 14.20
CA LYS A 59 1.74 -18.28 14.67
C LYS A 59 1.27 -17.23 13.67
N GLN A 60 2.21 -16.47 13.11
CA GLN A 60 1.85 -15.46 12.11
C GLN A 60 1.28 -16.11 10.87
N TRP A 61 1.88 -17.22 10.42
CA TRP A 61 1.39 -17.90 9.24
C TRP A 61 0.03 -18.55 9.48
N ALA A 62 -0.25 -18.95 10.72
CA ALA A 62 -1.60 -19.39 11.06
C ALA A 62 -2.60 -18.25 10.89
N GLY A 63 -2.22 -17.04 11.32
CA GLY A 63 -3.06 -15.88 11.07
C GLY A 63 -3.22 -15.58 9.59
N MET A 64 -2.19 -15.88 8.79
CA MET A 64 -2.29 -15.68 7.34
C MET A 64 -3.39 -16.54 6.73
N MET A 65 -3.74 -17.66 7.36
CA MET A 65 -4.84 -18.50 6.90
C MET A 65 -6.19 -18.01 7.39
N MET A 66 -6.21 -17.09 8.35
CA MET A 66 -7.42 -16.53 8.92
CA MET A 66 -7.45 -16.54 8.89
C MET A 66 -7.65 -15.10 8.43
N GLY A 67 -7.27 -14.81 7.20
CA GLY A 67 -7.45 -13.47 6.67
C GLY A 67 -8.93 -13.16 6.48
N ASP A 68 -9.43 -12.14 7.16
CA ASP A 68 -10.79 -11.64 6.96
C ASP A 68 -10.68 -10.49 5.96
N GLU A 69 -10.95 -10.78 4.70
CA GLU A 69 -10.63 -9.85 3.62
C GLU A 69 -11.74 -8.84 3.36
N ALA A 70 -12.68 -8.72 4.29
CA ALA A 70 -13.80 -7.79 4.13
C ALA A 70 -13.31 -6.35 4.03
N TYR A 71 -14.06 -5.55 3.27
CA TYR A 71 -13.68 -4.16 3.04
C TYR A 71 -13.85 -3.30 4.29
N ALA A 72 -14.78 -3.67 5.17
CA ALA A 72 -15.04 -2.92 6.38
C ALA A 72 -15.40 -3.89 7.50
N GLY A 73 -14.94 -3.57 8.71
CA GLY A 73 -15.27 -4.38 9.87
C GLY A 73 -14.54 -5.71 9.97
N SER A 74 -13.37 -5.82 9.35
CA SER A 74 -12.61 -7.06 9.41
C SER A 74 -12.10 -7.33 10.82
N GLU A 75 -12.21 -8.61 11.24
CA GLU A 75 -11.68 -9.00 12.54
C GLU A 75 -10.18 -8.75 12.63
N ASN A 76 -9.46 -8.87 11.52
CA ASN A 76 -8.02 -8.63 11.54
C ASN A 76 -7.69 -7.19 11.93
N PHE A 77 -8.49 -6.25 11.45
CA PHE A 77 -8.28 -4.85 11.84
C PHE A 77 -8.53 -4.65 13.32
N TYR A 78 -9.58 -5.28 13.85
CA TYR A 78 -9.88 -5.17 15.28
C TYR A 78 -8.75 -5.78 16.11
N HIS A 79 -8.13 -6.85 15.62
N HIS A 79 -8.13 -6.85 15.62
CA HIS A 79 -7.00 -7.44 16.32
CA HIS A 79 -7.00 -7.44 16.33
C HIS A 79 -5.81 -6.48 16.32
C HIS A 79 -5.79 -6.50 16.31
N LEU A 80 -5.50 -5.90 15.16
CA LEU A 80 -4.37 -4.97 15.07
C LEU A 80 -4.62 -3.73 15.94
N GLU A 81 -5.82 -3.15 15.84
CA GLU A 81 -6.14 -1.95 16.59
C GLU A 81 -5.99 -2.18 18.09
N ARG A 82 -6.58 -3.27 18.59
CA ARG A 82 -6.55 -3.55 20.02
C ARG A 82 -5.13 -3.87 20.49
N THR A 83 -4.31 -4.48 19.62
CA THR A 83 -2.94 -4.78 19.98
C THR A 83 -2.11 -3.51 20.15
N VAL A 84 -2.21 -2.60 19.18
CA VAL A 84 -1.44 -1.36 19.24
C VAL A 84 -1.91 -0.51 20.42
N GLN A 85 -3.24 -0.41 20.62
CA GLN A 85 -3.76 0.33 21.76
C GLN A 85 -3.26 -0.23 23.08
N GLU A 86 -3.08 -1.55 23.16
CA GLU A 86 -2.61 -2.17 24.39
C GLU A 86 -1.10 -1.97 24.58
N LEU A 87 -0.32 -2.16 23.53
CA LEU A 87 1.13 -2.15 23.66
C LEU A 87 1.72 -0.74 23.54
N PHE A 88 1.20 0.08 22.63
CA PHE A 88 1.71 1.44 22.46
C PHE A 88 0.97 2.46 23.32
N GLY A 89 -0.28 2.19 23.67
CA GLY A 89 -1.04 3.08 24.52
C GLY A 89 -1.73 4.22 23.81
N PHE A 90 -1.62 4.32 22.49
CA PHE A 90 -2.27 5.41 21.76
C PHE A 90 -3.77 5.15 21.65
N LYS A 91 -4.51 6.23 21.40
CA LYS A 91 -5.96 6.15 21.40
C LYS A 91 -6.51 5.66 20.06
N HIS A 92 -5.91 6.11 18.95
CA HIS A 92 -6.44 5.85 17.62
C HIS A 92 -5.37 5.26 16.73
N ILE A 93 -5.77 4.31 15.87
CA ILE A 93 -4.86 3.62 14.96
C ILE A 93 -5.42 3.74 13.55
N VAL A 94 -4.56 4.07 12.59
CA VAL A 94 -4.92 4.05 11.17
C VAL A 94 -3.89 3.20 10.44
N PRO A 95 -4.28 2.06 9.87
CA PRO A 95 -3.32 1.23 9.17
C PRO A 95 -2.93 1.83 7.82
N THR A 96 -1.67 1.61 7.45
CA THR A 96 -1.15 2.02 6.15
C THR A 96 -0.36 0.86 5.56
N HIS A 97 -0.13 0.90 4.24
CA HIS A 97 0.54 -0.23 3.60
C HIS A 97 2.00 -0.34 4.01
N GLN A 98 2.65 0.77 4.32
CA GLN A 98 3.96 0.72 4.98
C GLN A 98 4.25 2.09 5.60
N GLY A 99 5.48 2.28 6.07
CA GLY A 99 5.80 3.43 6.90
C GLY A 99 5.62 4.76 6.21
N ARG A 100 6.11 4.86 4.96
CA ARG A 100 6.03 6.14 4.27
C ARG A 100 4.61 6.52 3.91
N GLY A 101 3.68 5.56 3.91
CA GLY A 101 2.28 5.90 3.79
C GLY A 101 1.76 6.65 5.00
N ALA A 102 2.23 6.27 6.19
CA ALA A 102 1.85 6.99 7.40
C ALA A 102 2.51 8.36 7.47
N GLU A 103 3.73 8.48 6.95
CA GLU A 103 4.41 9.77 6.95
C GLU A 103 3.73 10.75 6.01
N ASN A 104 3.25 10.25 4.87
CA ASN A 104 2.47 11.10 3.96
C ASN A 104 1.23 11.65 4.65
N LEU A 105 0.56 10.82 5.46
CA LEU A 105 -0.63 11.27 6.16
C LEU A 105 -0.29 12.31 7.23
N LEU A 106 0.71 12.00 8.07
CA LEU A 106 1.05 12.91 9.17
C LEU A 106 1.56 14.24 8.64
N SER A 107 2.37 14.21 7.57
CA SER A 107 2.95 15.46 7.06
C SER A 107 1.90 16.39 6.49
N GLN A 108 0.82 15.84 5.94
CA GLN A 108 -0.27 16.69 5.44
C GLN A 108 -1.19 17.16 6.55
N LEU A 109 -1.15 16.52 7.72
CA LEU A 109 -2.07 16.84 8.80
C LEU A 109 -1.48 17.77 9.85
N ALA A 110 -0.17 17.76 10.05
CA ALA A 110 0.45 18.45 11.17
C ALA A 110 1.46 19.51 10.76
N ILE A 111 1.54 19.86 9.48
CA ILE A 111 2.54 20.79 8.97
C ILE A 111 1.83 21.93 8.25
N LYS A 112 2.02 23.15 8.75
CA LYS A 112 1.61 24.32 7.99
C LYS A 112 2.78 24.83 7.15
N PRO A 113 2.52 25.30 5.94
CA PRO A 113 3.63 25.75 5.07
C PRO A 113 4.44 26.85 5.72
N GLY A 114 5.75 26.63 5.82
CA GLY A 114 6.66 27.55 6.44
C GLY A 114 7.11 27.14 7.83
N GLN A 115 6.42 26.20 8.47
CA GLN A 115 6.79 25.78 9.81
C GLN A 115 8.07 24.93 9.78
N TYR A 116 8.67 24.78 10.96
CA TYR A 116 9.86 23.98 11.13
C TYR A 116 9.51 22.62 11.69
N VAL A 117 10.22 21.59 11.25
CA VAL A 117 10.18 20.26 11.84
C VAL A 117 11.59 19.92 12.26
N ALA A 118 11.77 19.58 13.54
CA ALA A 118 13.08 19.28 14.09
C ALA A 118 13.08 17.87 14.65
N GLY A 119 14.22 17.19 14.49
CA GLY A 119 14.34 15.83 14.99
C GLY A 119 15.78 15.38 15.08
N ASN A 120 15.97 14.21 15.68
CA ASN A 120 17.29 13.60 15.81
C ASN A 120 17.65 12.97 14.47
N MET A 121 18.26 13.79 13.61
CA MET A 121 18.53 13.44 12.21
C MET A 121 17.24 13.14 11.46
N TYR A 122 17.38 12.66 10.22
CA TYR A 122 16.27 12.49 9.32
C TYR A 122 16.36 11.14 8.63
N PHE A 123 15.29 10.80 7.92
CA PHE A 123 15.30 9.71 6.96
C PHE A 123 14.77 10.23 5.63
N THR A 124 15.17 9.55 4.55
CA THR A 124 14.88 10.06 3.21
C THR A 124 13.38 10.24 2.98
N THR A 125 12.59 9.19 3.24
CA THR A 125 11.15 9.29 2.99
C THR A 125 10.49 10.23 3.98
N THR A 126 10.90 10.20 5.25
CA THR A 126 10.33 11.10 6.25
C THR A 126 10.60 12.56 5.90
N ARG A 127 11.85 12.87 5.54
CA ARG A 127 12.21 14.25 5.23
C ARG A 127 11.54 14.75 3.95
N TYR A 128 11.31 13.86 2.98
CA TYR A 128 10.67 14.28 1.74
C TYR A 128 9.24 14.76 1.99
N HIS A 129 8.44 13.95 2.70
CA HIS A 129 7.05 14.33 2.95
C HIS A 129 6.94 15.58 3.80
N GLN A 130 7.90 15.80 4.70
CA GLN A 130 7.93 17.05 5.46
C GLN A 130 8.22 18.23 4.54
N GLU A 131 9.24 18.11 3.70
CA GLU A 131 9.60 19.21 2.81
C GLU A 131 8.58 19.40 1.70
N LYS A 132 7.96 18.30 1.23
CA LYS A 132 6.93 18.43 0.21
C LYS A 132 5.73 19.20 0.72
N ASN A 133 5.47 19.14 2.03
CA ASN A 133 4.35 19.85 2.65
C ASN A 133 4.75 21.22 3.18
N GLY A 134 5.91 21.74 2.79
CA GLY A 134 6.28 23.10 3.11
C GLY A 134 7.07 23.30 4.38
N ALA A 135 7.71 22.26 4.91
CA ALA A 135 8.48 22.37 6.13
C ALA A 135 9.96 22.46 5.82
N VAL A 136 10.71 23.04 6.76
CA VAL A 136 12.17 23.11 6.70
C VAL A 136 12.71 22.25 7.84
N PHE A 137 13.53 21.26 7.51
CA PHE A 137 14.05 20.34 8.51
C PHE A 137 15.22 20.96 9.26
N VAL A 138 15.29 20.67 10.56
CA VAL A 138 16.37 21.14 11.43
C VAL A 138 16.84 19.95 12.25
N ASP A 139 18.12 19.62 12.15
CA ASP A 139 18.69 18.52 12.90
C ASP A 139 19.07 18.99 14.30
N ILE A 140 18.47 18.39 15.32
CA ILE A 140 18.76 18.71 16.71
C ILE A 140 19.35 17.53 17.47
N VAL A 141 19.90 16.55 16.75
CA VAL A 141 20.59 15.45 17.40
C VAL A 141 21.89 15.95 18.03
N ARG A 142 22.38 15.21 19.03
CA ARG A 142 23.66 15.54 19.64
C ARG A 142 24.78 15.41 18.61
N ASP A 143 25.79 16.27 18.75
CA ASP A 143 26.87 16.32 17.76
C ASP A 143 27.64 15.01 17.70
N GLU A 144 27.69 14.27 18.81
CA GLU A 144 28.43 13.02 18.84
C GLU A 144 27.85 11.98 17.90
N ALA A 145 26.57 12.09 17.55
CA ALA A 145 25.94 11.13 16.66
C ALA A 145 26.51 11.18 15.25
N HIS A 146 27.19 12.26 14.88
CA HIS A 146 27.77 12.40 13.55
C HIS A 146 29.20 11.88 13.48
N ASP A 147 29.75 11.36 14.57
CA ASP A 147 31.08 10.78 14.59
C ASP A 147 30.95 9.26 14.56
N ALA A 148 31.40 8.66 13.45
CA ALA A 148 31.18 7.22 13.25
C ALA A 148 31.98 6.38 14.26
N GLY A 149 33.16 6.86 14.68
CA GLY A 149 34.01 6.06 15.53
C GLY A 149 33.83 6.25 17.03
N LEU A 150 33.12 7.30 17.45
CA LEU A 150 32.96 7.57 18.88
C LEU A 150 32.00 6.54 19.47
N ASN A 151 32.49 5.75 20.43
CA ASN A 151 31.71 4.68 21.05
C ASN A 151 31.12 5.20 22.36
N ILE A 152 29.90 5.73 22.28
CA ILE A 152 29.16 6.18 23.45
C ILE A 152 27.73 5.66 23.35
N ALA A 153 27.06 5.63 24.49
CA ALA A 153 25.71 5.07 24.58
C ALA A 153 24.66 6.11 24.21
N PHE A 154 23.58 5.64 23.60
CA PHE A 154 22.42 6.46 23.25
C PHE A 154 22.83 7.66 22.40
N LYS A 155 23.52 7.37 21.30
CA LYS A 155 23.95 8.40 20.36
C LYS A 155 22.77 9.14 19.72
N GLY A 156 21.59 8.54 19.72
CA GLY A 156 20.44 9.16 19.08
C GLY A 156 19.71 10.19 19.89
N ASP A 157 20.20 10.53 21.09
CA ASP A 157 19.51 11.48 21.95
C ASP A 157 19.47 12.86 21.32
N ILE A 158 18.34 13.55 21.51
CA ILE A 158 18.21 14.93 21.07
C ILE A 158 18.98 15.84 22.03
N ASP A 159 19.70 16.81 21.45
CA ASP A 159 20.40 17.83 22.23
C ASP A 159 19.37 18.84 22.72
N LEU A 160 19.11 18.85 24.02
CA LEU A 160 18.12 19.77 24.59
C LEU A 160 18.53 21.22 24.38
N LYS A 161 19.84 21.50 24.36
N LYS A 161 19.83 21.50 24.37
CA LYS A 161 20.28 22.87 24.13
CA LYS A 161 20.32 22.85 24.12
C LYS A 161 19.97 23.32 22.70
C LYS A 161 19.96 23.31 22.71
N LYS A 162 20.15 22.44 21.72
CA LYS A 162 19.78 22.78 20.35
C LYS A 162 18.29 23.00 20.22
N LEU A 163 17.49 22.19 20.93
CA LEU A 163 16.04 22.36 20.89
C LEU A 163 15.63 23.69 21.53
N GLN A 164 16.27 24.06 22.63
CA GLN A 164 15.95 25.32 23.29
C GLN A 164 16.29 26.51 22.40
N LYS A 165 17.41 26.43 21.67
CA LYS A 165 17.80 27.52 20.79
C LYS A 165 16.87 27.66 19.60
N LEU A 166 16.35 26.53 19.09
CA LEU A 166 15.40 26.61 17.99
C LEU A 166 14.11 27.29 18.41
N ILE A 167 13.62 26.97 19.62
CA ILE A 167 12.39 27.59 20.12
C ILE A 167 12.58 29.09 20.30
N ASP A 168 13.76 29.50 20.76
CA ASP A 168 14.02 30.91 21.01
C ASP A 168 14.27 31.67 19.71
N GLU A 169 14.96 31.05 18.75
CA GLU A 169 15.31 31.76 17.52
C GLU A 169 14.16 31.84 16.54
N LYS A 170 13.27 30.84 16.53
CA LYS A 170 12.19 30.81 15.56
C LYS A 170 10.80 30.94 16.17
N GLY A 171 10.63 30.61 17.44
CA GLY A 171 9.33 30.69 18.08
C GLY A 171 8.58 29.37 18.02
N ALA A 172 7.84 29.05 19.08
CA ALA A 172 7.12 27.78 19.12
C ALA A 172 5.99 27.74 18.10
N GLU A 173 5.46 28.90 17.71
CA GLU A 173 4.36 28.93 16.76
C GLU A 173 4.81 28.48 15.37
N ASN A 174 6.09 28.63 15.05
CA ASN A 174 6.61 28.26 13.74
C ASN A 174 7.23 26.87 13.72
N ILE A 175 7.02 26.08 14.76
CA ILE A 175 7.52 24.71 14.84
C ILE A 175 6.32 23.78 14.73
N ALA A 176 6.26 23.02 13.64
CA ALA A 176 5.16 22.08 13.43
C ALA A 176 5.13 21.03 14.53
N TYR A 177 6.20 20.24 14.64
CA TYR A 177 6.31 19.23 15.69
C TYR A 177 7.76 18.79 15.78
N ILE A 178 8.04 17.97 16.78
CA ILE A 178 9.34 17.33 16.94
C ILE A 178 9.21 15.89 16.46
N CYS A 179 10.14 15.47 15.61
CA CYS A 179 10.13 14.13 15.03
C CYS A 179 11.25 13.32 15.67
N LEU A 180 10.89 12.54 16.69
CA LEU A 180 11.85 11.74 17.45
C LEU A 180 11.84 10.31 16.92
N ALA A 181 12.94 9.89 16.31
CA ALA A 181 13.06 8.56 15.72
C ALA A 181 13.73 7.60 16.69
N VAL A 182 13.17 6.41 16.83
CA VAL A 182 13.75 5.33 17.64
C VAL A 182 13.69 4.05 16.81
N THR A 183 14.85 3.50 16.48
CA THR A 183 16.15 4.12 16.70
C THR A 183 16.47 5.14 15.61
N VAL A 184 17.71 5.63 15.60
CA VAL A 184 18.17 6.56 14.58
C VAL A 184 18.91 5.77 13.51
N ASN A 185 18.27 5.59 12.36
CA ASN A 185 18.83 4.73 11.32
C ASN A 185 20.08 5.35 10.69
N LEU A 186 20.07 6.66 10.44
CA LEU A 186 21.17 7.28 9.73
C LEU A 186 22.45 7.31 10.56
N ALA A 187 22.33 7.34 11.89
CA ALA A 187 23.50 7.32 12.76
C ALA A 187 24.03 5.92 13.00
N GLY A 188 23.43 4.91 12.40
CA GLY A 188 23.85 3.54 12.58
C GLY A 188 22.94 2.68 13.45
N GLY A 189 21.67 3.03 13.59
CA GLY A 189 20.78 2.30 14.47
C GLY A 189 20.98 2.61 15.93
N GLN A 190 21.27 3.87 16.26
CA GLN A 190 21.61 4.28 17.62
C GLN A 190 20.35 4.57 18.43
N PRO A 191 20.31 4.14 19.68
CA PRO A 191 19.09 4.27 20.47
C PRO A 191 18.95 5.63 21.14
N VAL A 192 17.74 5.88 21.62
CA VAL A 192 17.39 7.09 22.38
C VAL A 192 17.03 6.66 23.79
N SER A 193 17.58 7.35 24.78
CA SER A 193 17.32 7.01 26.16
C SER A 193 15.94 7.50 26.59
N MET A 194 15.37 6.81 27.58
CA MET A 194 14.08 7.23 28.13
C MET A 194 14.17 8.60 28.78
N ALA A 195 15.31 8.90 29.41
CA ALA A 195 15.49 10.23 29.99
C ALA A 195 15.42 11.32 28.94
N ASN A 196 15.98 11.06 27.75
CA ASN A 196 15.91 12.04 26.67
C ASN A 196 14.48 12.22 26.19
N MET A 197 13.74 11.12 26.04
CA MET A 197 12.34 11.23 25.64
C MET A 197 11.51 11.96 26.70
N ARG A 198 11.82 11.71 27.97
CA ARG A 198 11.13 12.40 29.05
C ARG A 198 11.50 13.89 29.07
N ALA A 199 12.77 14.21 28.87
CA ALA A 199 13.21 15.60 28.87
C ALA A 199 12.63 16.36 27.68
N VAL A 200 12.58 15.72 26.51
CA VAL A 200 12.01 16.36 25.33
C VAL A 200 10.53 16.65 25.55
N ARG A 201 9.79 15.69 26.10
CA ARG A 201 8.37 15.89 26.37
C ARG A 201 8.15 17.06 27.32
N GLU A 202 9.01 17.20 28.32
CA GLU A 202 8.84 18.30 29.28
C GLU A 202 9.07 19.65 28.62
N LEU A 203 10.05 19.75 27.73
CA LEU A 203 10.37 21.04 27.11
C LEU A 203 9.34 21.42 26.05
N THR A 204 8.87 20.45 25.26
CA THR A 204 7.93 20.76 24.19
C THR A 204 6.55 21.09 24.76
N ALA A 205 6.14 20.39 25.82
CA ALA A 205 4.81 20.61 26.39
C ALA A 205 4.68 22.00 26.99
N ALA A 206 5.78 22.58 27.46
CA ALA A 206 5.74 23.93 28.03
C ALA A 206 5.49 24.99 26.98
N HIS A 207 5.71 24.69 25.70
CA HIS A 207 5.49 25.62 24.61
C HIS A 207 4.38 25.17 23.67
N GLY A 208 3.66 24.09 24.01
CA GLY A 208 2.59 23.62 23.17
C GLY A 208 3.02 22.98 21.88
N ILE A 209 4.24 22.46 21.82
CA ILE A 209 4.78 21.85 20.61
C ILE A 209 4.49 20.35 20.64
N LYS A 210 4.00 19.82 19.52
CA LYS A 210 3.68 18.41 19.43
C LYS A 210 4.96 17.57 19.29
N VAL A 211 4.85 16.29 19.65
CA VAL A 211 5.93 15.33 19.52
C VAL A 211 5.37 14.08 18.87
N PHE A 212 5.93 13.70 17.73
CA PHE A 212 5.54 12.49 17.02
C PHE A 212 6.77 11.61 16.82
N TYR A 213 6.63 10.33 17.10
CA TYR A 213 7.75 9.40 17.01
C TYR A 213 7.80 8.73 15.64
N ASP A 214 9.01 8.43 15.20
CA ASP A 214 9.25 7.48 14.13
C ASP A 214 9.58 6.17 14.85
N ALA A 215 8.55 5.35 15.08
CA ALA A 215 8.65 4.16 15.91
C ALA A 215 9.12 2.93 15.15
N THR A 216 9.72 3.14 13.96
CA THR A 216 10.04 2.03 13.06
C THR A 216 10.83 0.93 13.76
N ARG A 217 11.83 1.28 14.56
CA ARG A 217 12.62 0.29 15.28
C ARG A 217 12.57 0.53 16.78
N CYS A 218 11.35 0.73 17.31
CA CYS A 218 11.19 1.07 18.72
C CYS A 218 11.48 -0.11 19.65
N VAL A 219 11.33 -1.34 19.16
CA VAL A 219 11.59 -2.49 20.02
C VAL A 219 13.09 -2.68 20.23
N GLU A 220 13.88 -2.53 19.16
CA GLU A 220 15.33 -2.49 19.33
C GLU A 220 15.74 -1.39 20.28
N ASN A 221 15.07 -0.23 20.19
CA ASN A 221 15.34 0.87 21.10
C ASN A 221 15.00 0.48 22.54
N ALA A 222 13.92 -0.26 22.73
CA ALA A 222 13.52 -0.66 24.07
C ALA A 222 14.53 -1.61 24.70
N TYR A 223 15.14 -2.49 23.88
CA TYR A 223 16.14 -3.41 24.44
C TYR A 223 17.37 -2.65 24.94
N PHE A 224 17.83 -1.66 24.17
CA PHE A 224 18.99 -0.88 24.60
C PHE A 224 18.73 -0.16 25.91
N ILE A 225 17.49 0.26 26.16
CA ILE A 225 17.14 0.88 27.42
C ILE A 225 17.22 -0.13 28.56
N LYS A 226 16.66 -1.33 28.34
CA LYS A 226 16.73 -2.37 29.37
C LYS A 226 18.16 -2.81 29.63
N GLU A 227 19.02 -2.74 28.61
CA GLU A 227 20.38 -3.22 28.76
C GLU A 227 21.29 -2.17 29.39
N GLN A 228 21.13 -0.90 29.00
CA GLN A 228 22.15 0.10 29.29
C GLN A 228 21.68 1.31 30.10
N GLU A 229 20.39 1.48 30.31
CA GLU A 229 19.88 2.61 31.07
C GLU A 229 19.55 2.16 32.49
N GLN A 230 20.14 2.83 33.47
CA GLN A 230 19.97 2.47 34.87
C GLN A 230 18.51 2.65 35.30
N GLY A 231 17.97 1.65 35.99
CA GLY A 231 16.63 1.69 36.50
C GLY A 231 15.62 0.92 35.69
N PHE A 232 15.98 0.44 34.51
CA PHE A 232 15.07 -0.31 33.65
C PHE A 232 15.45 -1.78 33.55
N GLU A 233 16.36 -2.26 34.39
CA GLU A 233 16.79 -3.65 34.33
C GLU A 233 15.70 -4.62 34.77
N ASN A 234 14.76 -4.17 35.60
CA ASN A 234 13.68 -5.02 36.08
C ASN A 234 12.40 -4.89 35.27
N LYS A 235 12.38 -4.00 34.29
CA LYS A 235 11.18 -3.74 33.51
C LYS A 235 11.20 -4.56 32.22
N SER A 236 10.02 -5.06 31.84
CA SER A 236 9.91 -5.86 30.63
C SER A 236 9.98 -4.97 29.40
N ILE A 237 10.18 -5.61 28.24
CA ILE A 237 10.23 -4.89 26.97
C ILE A 237 8.93 -4.15 26.72
N ALA A 238 7.80 -4.81 26.98
CA ALA A 238 6.50 -4.19 26.76
C ALA A 238 6.30 -2.97 27.66
N GLU A 239 6.71 -3.08 28.93
CA GLU A 239 6.61 -1.95 29.84
C GLU A 239 7.44 -0.76 29.35
N ILE A 240 8.63 -1.04 28.80
CA ILE A 240 9.48 0.04 28.30
C ILE A 240 8.87 0.66 27.06
N VAL A 241 8.38 -0.16 26.14
CA VAL A 241 7.74 0.36 24.93
C VAL A 241 6.55 1.23 25.29
N HIS A 242 5.72 0.77 26.24
CA HIS A 242 4.53 1.52 26.61
C HIS A 242 4.90 2.85 27.25
N GLU A 243 5.98 2.89 28.04
CA GLU A 243 6.40 4.15 28.63
C GLU A 243 7.01 5.09 27.59
N MET A 244 7.71 4.52 26.59
CA MET A 244 8.31 5.34 25.55
C MET A 244 7.26 6.20 24.84
N PHE A 245 6.16 5.58 24.43
CA PHE A 245 5.12 6.31 23.70
C PHE A 245 4.26 7.18 24.60
N SER A 246 4.37 7.04 25.93
CA SER A 246 3.65 7.94 26.82
C SER A 246 4.16 9.38 26.75
N TYR A 247 5.33 9.59 26.14
CA TYR A 247 5.88 10.92 25.94
C TYR A 247 5.68 11.43 24.52
N ALA A 248 4.75 10.84 23.77
CA ALA A 248 4.50 11.23 22.40
C ALA A 248 3.01 11.49 22.19
N ASP A 249 2.72 12.33 21.21
CA ASP A 249 1.35 12.61 20.79
C ASP A 249 0.89 11.70 19.66
N GLY A 250 1.79 10.89 19.12
CA GLY A 250 1.46 10.00 18.03
C GLY A 250 2.73 9.37 17.50
N CYS A 251 2.56 8.55 16.46
CA CYS A 251 3.73 7.92 15.86
C CYS A 251 3.40 7.44 14.47
N THR A 252 4.44 7.34 13.64
CA THR A 252 4.40 6.62 12.38
C THR A 252 5.20 5.34 12.56
N MET A 253 4.65 4.22 12.10
CA MET A 253 5.27 2.91 12.29
C MET A 253 5.38 2.19 10.97
N SER A 254 6.57 1.68 10.67
CA SER A 254 6.77 0.74 9.57
C SER A 254 6.81 -0.65 10.19
N GLY A 255 5.72 -1.40 10.04
CA GLY A 255 5.68 -2.76 10.53
C GLY A 255 6.70 -3.66 9.87
N LYS A 256 7.15 -3.32 8.66
CA LYS A 256 8.16 -4.10 7.96
C LYS A 256 9.46 -4.23 8.76
N LYS A 257 9.62 -3.48 9.84
CA LYS A 257 10.82 -3.62 10.67
C LYS A 257 10.49 -4.41 11.93
N ASP A 258 10.22 -3.71 13.04
CA ASP A 258 10.13 -4.39 14.33
C ASP A 258 8.79 -5.09 14.56
N CYS A 259 7.88 -5.08 13.60
CA CYS A 259 6.66 -5.88 13.70
C CYS A 259 6.81 -7.25 13.05
N LEU A 260 8.00 -7.56 12.53
CA LEU A 260 8.33 -8.92 12.07
C LEU A 260 7.44 -9.38 10.92
N VAL A 261 7.15 -8.48 9.97
CA VAL A 261 6.33 -8.80 8.81
C VAL A 261 7.04 -8.35 7.54
N ASN A 262 6.46 -8.72 6.40
CA ASN A 262 7.02 -8.41 5.09
C ASN A 262 6.33 -7.23 4.41
N ILE A 263 5.24 -6.73 5.00
CA ILE A 263 4.54 -5.55 4.51
C ILE A 263 3.69 -5.03 5.65
N GLY A 264 3.42 -3.73 5.65
CA GLY A 264 2.54 -3.17 6.65
C GLY A 264 3.09 -2.03 7.48
N GLY A 265 2.22 -1.11 7.88
CA GLY A 265 2.55 -0.02 8.76
C GLY A 265 1.28 0.57 9.33
N PHE A 266 1.43 1.61 10.15
CA PHE A 266 0.24 2.29 10.68
C PHE A 266 0.64 3.65 11.24
N LEU A 267 -0.38 4.44 11.53
CA LEU A 267 -0.26 5.79 12.07
C LEU A 267 -1.07 5.87 13.35
N CYS A 268 -0.45 6.35 14.42
CA CYS A 268 -1.10 6.46 15.71
C CYS A 268 -1.21 7.92 16.13
N MET A 269 -2.23 8.21 16.94
CA MET A 269 -2.40 9.53 17.52
C MET A 269 -3.45 9.44 18.62
N ASN A 270 -3.40 10.42 19.53
CA ASN A 270 -4.37 10.52 20.61
C ASN A 270 -5.45 11.56 20.36
N ASP A 271 -5.18 12.54 19.48
CA ASP A 271 -6.12 13.63 19.23
C ASP A 271 -7.27 13.14 18.36
N ASP A 272 -8.50 13.41 18.81
CA ASP A 272 -9.68 12.94 18.09
C ASP A 272 -9.87 13.69 16.78
N GLU A 273 -9.62 15.00 16.77
CA GLU A 273 -9.86 15.79 15.56
C GLU A 273 -8.87 15.44 14.46
N MET A 274 -7.61 15.23 14.81
CA MET A 274 -6.63 14.81 13.81
C MET A 274 -6.94 13.40 13.31
N PHE A 275 -7.42 12.54 14.19
CA PHE A 275 -7.82 11.18 13.78
C PHE A 275 -8.97 11.23 12.78
N SER A 276 -9.90 12.17 12.96
CA SER A 276 -10.98 12.34 12.00
C SER A 276 -10.43 12.74 10.63
N SER A 277 -9.47 13.66 10.61
CA SER A 277 -8.88 14.08 9.34
C SER A 277 -8.03 12.98 8.73
N ALA A 278 -7.42 12.14 9.57
CA ALA A 278 -6.60 11.04 9.04
C ALA A 278 -7.46 10.02 8.31
N LYS A 279 -8.66 9.75 8.81
CA LYS A 279 -9.54 8.78 8.15
C LYS A 279 -10.06 9.32 6.82
N GLU A 280 -10.22 10.64 6.70
CA GLU A 280 -10.65 11.21 5.42
C GLU A 280 -9.53 11.18 4.39
N LEU A 281 -8.29 11.32 4.83
CA LEU A 281 -7.16 11.37 3.91
C LEU A 281 -6.62 9.99 3.55
N VAL A 282 -6.85 8.99 4.40
CA VAL A 282 -6.32 7.66 4.12
C VAL A 282 -7.05 7.02 2.94
N VAL A 283 -8.31 7.38 2.71
CA VAL A 283 -9.06 6.81 1.60
C VAL A 283 -8.54 7.32 0.26
N VAL A 284 -7.83 8.44 0.26
CA VAL A 284 -7.31 9.00 -0.98
C VAL A 284 -6.08 8.23 -1.44
N TYR A 285 -5.18 7.91 -0.52
CA TYR A 285 -3.89 7.32 -0.86
C TYR A 285 -3.80 5.83 -0.58
N GLU A 286 -4.29 5.38 0.58
CA GLU A 286 -4.09 4.00 1.01
C GLU A 286 -5.34 3.14 0.81
N GLY A 287 -6.46 3.56 1.38
CA GLY A 287 -7.68 2.78 1.36
C GLY A 287 -8.55 3.15 2.54
N MET A 288 -9.53 2.28 2.81
CA MET A 288 -10.43 2.52 3.92
C MET A 288 -9.66 2.53 5.24
N PRO A 289 -10.16 3.24 6.25
CA PRO A 289 -9.54 3.17 7.58
C PRO A 289 -9.63 1.78 8.21
N SER A 290 -10.37 0.85 7.62
N SER A 290 -10.36 0.85 7.61
CA SER A 290 -10.53 -0.50 8.13
CA SER A 290 -10.53 -0.49 8.13
C SER A 290 -9.58 -1.50 7.49
C SER A 290 -9.52 -1.48 7.56
N TYR A 291 -8.66 -1.06 6.62
CA TYR A 291 -7.66 -1.95 6.07
C TYR A 291 -6.44 -1.16 5.59
N GLY A 292 -6.65 0.07 5.13
CA GLY A 292 -5.58 1.00 4.81
C GLY A 292 -4.51 0.49 3.87
N GLY A 293 -4.92 -0.13 2.77
CA GLY A 293 -3.97 -0.65 1.80
C GLY A 293 -3.36 -1.99 2.16
N LEU A 294 -3.89 -2.68 3.15
CA LEU A 294 -3.38 -3.98 3.57
C LEU A 294 -4.47 -5.03 3.45
N ALA A 295 -4.09 -6.23 3.00
CA ALA A 295 -4.99 -7.37 3.11
C ALA A 295 -5.23 -7.70 4.57
N GLY A 296 -6.38 -8.31 4.85
CA GLY A 296 -6.70 -8.68 6.21
C GLY A 296 -5.66 -9.58 6.84
N ARG A 297 -5.16 -10.57 6.08
CA ARG A 297 -4.16 -11.48 6.60
C ARG A 297 -2.88 -10.74 7.01
N ASP A 298 -2.60 -9.59 6.39
CA ASP A 298 -1.39 -8.85 6.73
C ASP A 298 -1.58 -8.01 7.99
N MET A 299 -2.78 -7.46 8.20
CA MET A 299 -3.07 -6.84 9.49
C MET A 299 -2.97 -7.85 10.63
N GLU A 300 -3.46 -9.07 10.39
CA GLU A 300 -3.36 -10.12 11.41
C GLU A 300 -1.90 -10.49 11.68
N ALA A 301 -1.11 -10.64 10.61
CA ALA A 301 0.30 -10.98 10.77
C ALA A 301 1.05 -9.89 11.54
N MET A 302 0.72 -8.62 11.24
CA MET A 302 1.42 -7.52 11.91
C MET A 302 1.02 -7.44 13.38
N ALA A 303 -0.25 -7.70 13.69
CA ALA A 303 -0.68 -7.70 15.08
C ALA A 303 0.03 -8.79 15.89
N ILE A 304 0.17 -9.98 15.30
CA ILE A 304 0.85 -11.07 15.99
C ILE A 304 2.34 -10.80 16.10
N GLY A 305 2.95 -10.26 15.04
CA GLY A 305 4.37 -9.98 15.08
C GLY A 305 4.75 -8.93 16.10
N LEU A 306 3.92 -7.89 16.24
CA LEU A 306 4.20 -6.86 17.25
C LEU A 306 4.21 -7.46 18.65
N ARG A 307 3.32 -8.41 18.91
CA ARG A 307 3.30 -9.05 20.23
C ARG A 307 4.49 -9.99 20.40
N GLU A 308 4.91 -10.66 19.31
CA GLU A 308 6.10 -11.50 19.39
C GLU A 308 7.36 -10.69 19.64
N ALA A 309 7.41 -9.46 19.14
CA ALA A 309 8.58 -8.61 19.33
C ALA A 309 8.81 -8.25 20.79
N MET A 310 7.77 -8.34 21.63
CA MET A 310 7.89 -8.02 23.05
C MET A 310 8.63 -9.10 23.84
N GLN A 311 8.89 -10.26 23.25
CA GLN A 311 9.57 -11.34 23.96
C GLN A 311 11.04 -10.96 24.15
N TYR A 312 11.50 -10.96 25.41
CA TYR A 312 12.86 -10.52 25.69
C TYR A 312 13.89 -11.35 24.95
N GLU A 313 13.71 -12.68 24.92
CA GLU A 313 14.72 -13.54 24.31
C GLU A 313 14.83 -13.29 22.81
N TYR A 314 13.72 -13.02 22.14
CA TYR A 314 13.78 -12.71 20.71
C TYR A 314 14.61 -11.46 20.46
N ILE A 315 14.27 -10.35 21.14
CA ILE A 315 14.89 -9.08 20.81
C ILE A 315 16.33 -9.03 21.32
N GLU A 316 16.62 -9.74 22.42
CA GLU A 316 18.00 -9.85 22.87
C GLU A 316 18.87 -10.55 21.82
N HIS A 317 18.38 -11.68 21.29
CA HIS A 317 19.13 -12.39 20.27
C HIS A 317 19.27 -11.57 18.99
N ARG A 318 18.19 -10.88 18.59
CA ARG A 318 18.23 -10.04 17.40
C ARG A 318 19.38 -9.04 17.47
N VAL A 319 19.45 -8.29 18.57
CA VAL A 319 20.47 -7.26 18.70
C VAL A 319 21.86 -7.89 18.82
N LYS A 320 21.98 -8.97 19.59
CA LYS A 320 23.29 -9.57 19.83
C LYS A 320 23.81 -10.36 18.64
N GLN A 321 22.94 -10.78 17.73
CA GLN A 321 23.43 -11.35 16.47
C GLN A 321 24.10 -10.27 15.63
N VAL A 322 23.50 -9.07 15.58
CA VAL A 322 24.12 -7.96 14.88
C VAL A 322 25.43 -7.58 15.57
N ARG A 323 25.42 -7.55 16.90
CA ARG A 323 26.62 -7.21 17.66
C ARG A 323 27.72 -8.24 17.44
N TYR A 324 27.35 -9.52 17.27
CA TYR A 324 28.35 -10.55 17.00
C TYR A 324 29.10 -10.26 15.71
N LEU A 325 28.37 -9.87 14.66
CA LEU A 325 29.02 -9.51 13.40
C LEU A 325 29.92 -8.29 13.57
N GLY A 326 29.46 -7.29 14.32
CA GLY A 326 30.27 -6.11 14.54
C GLY A 326 31.51 -6.40 15.38
N ASP A 327 31.38 -7.25 16.39
CA ASP A 327 32.53 -7.56 17.25
C ASP A 327 33.58 -8.36 16.48
N LYS A 328 33.14 -9.33 15.67
CA LYS A 328 34.08 -10.14 14.92
C LYS A 328 34.87 -9.31 13.91
N LEU A 329 34.20 -8.32 13.29
CA LEU A 329 34.90 -7.44 12.37
C LEU A 329 35.84 -6.49 13.10
N LYS A 330 35.39 -5.94 14.23
CA LYS A 330 36.23 -5.03 15.00
C LYS A 330 37.46 -5.75 15.58
N ALA A 331 37.31 -7.03 15.93
CA ALA A 331 38.43 -7.76 16.49
C ALA A 331 39.53 -8.03 15.46
N ALA A 332 39.19 -8.04 14.18
CA ALA A 332 40.17 -8.23 13.12
C ALA A 332 40.75 -6.92 12.61
N GLY A 333 40.29 -5.78 13.12
CA GLY A 333 40.76 -4.49 12.69
C GLY A 333 39.96 -3.83 11.59
N VAL A 334 38.78 -4.35 11.27
CA VAL A 334 37.96 -3.76 10.22
C VAL A 334 37.28 -2.50 10.77
N PRO A 335 37.41 -1.36 10.09
CA PRO A 335 36.80 -0.11 10.61
C PRO A 335 35.29 -0.11 10.40
N ILE A 336 34.56 0.07 11.49
CA ILE A 336 33.09 0.09 11.47
C ILE A 336 32.61 1.32 12.23
N VAL A 337 31.32 1.59 12.10
CA VAL A 337 30.66 2.61 12.88
C VAL A 337 30.38 2.05 14.28
N GLU A 338 30.67 2.85 15.31
CA GLU A 338 30.51 2.40 16.67
C GLU A 338 29.65 3.38 17.45
N PRO A 339 28.86 2.88 18.42
CA PRO A 339 28.66 1.45 18.71
C PRO A 339 27.77 0.77 17.68
N VAL A 340 27.75 -0.56 17.68
CA VAL A 340 26.92 -1.30 16.75
C VAL A 340 25.45 -1.06 17.08
N GLY A 341 24.65 -0.75 16.06
CA GLY A 341 23.25 -0.49 16.23
C GLY A 341 22.43 -1.76 16.39
N GLY A 342 21.11 -1.57 16.41
CA GLY A 342 20.20 -2.68 16.62
C GLY A 342 19.93 -3.53 15.40
N HIS A 343 20.14 -2.99 14.20
CA HIS A 343 19.69 -3.66 12.98
C HIS A 343 20.75 -3.82 11.91
N ALA A 344 21.93 -3.24 12.07
CA ALA A 344 22.91 -3.27 10.99
C ALA A 344 24.30 -2.99 11.54
N VAL A 345 25.30 -3.42 10.78
CA VAL A 345 26.69 -3.03 10.99
C VAL A 345 27.11 -2.19 9.79
N PHE A 346 27.67 -1.01 10.07
CA PHE A 346 28.08 -0.06 9.04
C PHE A 346 29.60 -0.11 8.93
N LEU A 347 30.11 -0.59 7.79
CA LEU A 347 31.54 -0.50 7.53
C LEU A 347 31.89 0.94 7.18
N ASP A 348 32.96 1.45 7.77
CA ASP A 348 33.42 2.80 7.47
C ASP A 348 34.27 2.73 6.21
N ALA A 349 33.63 2.98 5.06
CA ALA A 349 34.33 2.93 3.79
C ALA A 349 35.37 4.04 3.65
N ARG A 350 35.22 5.13 4.41
CA ARG A 350 36.23 6.18 4.40
C ARG A 350 37.56 5.63 4.91
N ARG A 351 37.53 4.92 6.04
CA ARG A 351 38.73 4.31 6.59
C ARG A 351 39.06 2.99 5.89
N PHE A 352 38.04 2.24 5.46
CA PHE A 352 38.29 1.01 4.73
C PHE A 352 39.03 1.27 3.44
N CYS A 353 38.67 2.35 2.73
CA CYS A 353 39.31 2.70 1.48
C CYS A 353 39.93 4.09 1.57
N GLU A 354 40.83 4.28 2.54
CA GLU A 354 41.50 5.57 2.69
C GLU A 354 42.34 5.90 1.47
N HIS A 355 42.90 4.88 0.81
CA HIS A 355 43.70 5.05 -0.40
C HIS A 355 42.87 5.45 -1.62
N LEU A 356 41.56 5.67 -1.45
CA LEU A 356 40.67 6.04 -2.54
C LEU A 356 39.98 7.36 -2.20
N THR A 357 39.87 8.23 -3.19
CA THR A 357 39.16 9.50 -2.98
C THR A 357 37.66 9.27 -2.94
N GLN A 358 36.95 10.25 -2.38
CA GLN A 358 35.49 10.12 -2.26
C GLN A 358 34.81 10.15 -3.61
N ASP A 359 35.34 10.92 -4.57
CA ASP A 359 34.81 10.93 -5.93
C ASP A 359 35.03 9.63 -6.67
N GLU A 360 35.75 8.68 -6.06
CA GLU A 360 36.01 7.37 -6.63
C GLU A 360 34.99 6.33 -6.18
N PHE A 361 33.98 6.74 -5.42
CA PHE A 361 32.89 5.89 -4.94
C PHE A 361 33.44 4.71 -4.16
N PRO A 362 34.10 4.96 -3.02
CA PRO A 362 34.67 3.83 -2.26
C PRO A 362 33.62 2.92 -1.66
N ALA A 363 32.54 3.49 -1.13
CA ALA A 363 31.48 2.66 -0.55
C ALA A 363 30.79 1.82 -1.61
N GLN A 364 30.54 2.39 -2.79
CA GLN A 364 29.93 1.63 -3.87
C GLN A 364 30.87 0.52 -4.36
N SER A 365 32.16 0.83 -4.46
CA SER A 365 33.10 -0.19 -4.91
C SER A 365 33.32 -1.26 -3.87
N LEU A 366 33.29 -0.90 -2.59
CA LEU A 366 33.43 -1.89 -1.53
C LEU A 366 32.24 -2.85 -1.51
N ALA A 367 31.03 -2.33 -1.71
CA ALA A 367 29.85 -3.18 -1.73
C ALA A 367 29.89 -4.15 -2.91
N ALA A 368 30.34 -3.68 -4.07
CA ALA A 368 30.47 -4.57 -5.22
C ALA A 368 31.51 -5.65 -4.97
N SER A 369 32.64 -5.29 -4.37
CA SER A 369 33.67 -6.28 -4.06
C SER A 369 33.18 -7.29 -3.03
N ILE A 370 32.38 -6.85 -2.07
CA ILE A 370 31.85 -7.75 -1.05
C ILE A 370 31.01 -8.86 -1.69
N TYR A 371 30.18 -8.49 -2.66
CA TYR A 371 29.32 -9.49 -3.30
C TYR A 371 30.14 -10.51 -4.08
N VAL A 372 31.09 -10.03 -4.89
CA VAL A 372 31.89 -10.94 -5.71
C VAL A 372 32.67 -11.92 -4.85
N GLU A 373 33.21 -11.45 -3.71
CA GLU A 373 34.03 -12.31 -2.88
C GLU A 373 33.22 -13.30 -2.06
N THR A 374 31.99 -12.93 -1.67
CA THR A 374 31.22 -13.76 -0.74
C THR A 374 29.81 -14.08 -1.20
N GLY A 375 29.24 -13.37 -2.17
CA GLY A 375 27.83 -13.52 -2.45
C GLY A 375 26.93 -12.82 -1.47
N VAL A 376 27.43 -11.80 -0.77
CA VAL A 376 26.66 -11.02 0.18
C VAL A 376 26.36 -9.67 -0.45
N ARG A 377 25.08 -9.29 -0.45
CA ARG A 377 24.68 -7.97 -0.92
C ARG A 377 24.57 -7.01 0.26
N SER A 378 25.17 -5.83 0.10
CA SER A 378 25.08 -4.76 1.08
C SER A 378 24.63 -3.48 0.37
N MET A 379 24.31 -2.47 1.16
CA MET A 379 23.80 -1.20 0.63
C MET A 379 24.84 -0.11 0.76
N GLU A 380 25.06 0.63 -0.32
CA GLU A 380 25.88 1.82 -0.25
C GLU A 380 25.14 2.92 0.50
N ARG A 381 25.81 3.54 1.47
CA ARG A 381 25.26 4.66 2.21
C ARG A 381 26.31 5.77 2.32
N GLY A 382 26.71 6.30 1.17
CA GLY A 382 27.67 7.37 1.10
C GLY A 382 27.25 8.46 0.14
N ILE A 383 28.17 8.90 -0.72
CA ILE A 383 27.88 10.03 -1.60
C ILE A 383 26.86 9.65 -2.66
N ILE A 384 26.86 8.40 -3.12
CA ILE A 384 25.90 7.98 -4.14
C ILE A 384 24.48 8.11 -3.61
N SER A 385 24.23 7.58 -2.41
CA SER A 385 22.91 7.74 -1.80
C SER A 385 22.62 9.20 -1.46
N ALA A 386 23.65 10.00 -1.22
CA ALA A 386 23.42 11.42 -0.94
C ALA A 386 23.02 12.17 -2.20
N GLY A 387 23.58 11.79 -3.35
CA GLY A 387 23.24 12.41 -4.60
C GLY A 387 23.95 13.73 -4.76
N ARG A 388 23.48 14.50 -5.75
CA ARG A 388 24.00 15.85 -6.00
C ARG A 388 22.82 16.78 -6.21
N ASN A 389 22.54 17.62 -5.22
CA ASN A 389 21.68 18.78 -5.47
C ASN A 389 22.36 19.74 -6.43
N ASN A 390 23.50 20.27 -6.03
CA ASN A 390 24.25 21.21 -6.84
C ASN A 390 25.14 20.45 -7.82
N VAL A 391 25.68 21.17 -8.80
CA VAL A 391 26.60 20.57 -9.76
C VAL A 391 27.94 20.29 -9.10
N HIS A 395 28.63 16.90 -6.27
CA HIS A 395 28.33 15.84 -5.29
C HIS A 395 28.05 16.41 -3.91
N HIS A 396 27.04 15.85 -3.24
CA HIS A 396 26.89 16.03 -1.81
C HIS A 396 27.84 15.12 -1.06
N ARG A 397 28.60 15.68 -0.13
CA ARG A 397 29.62 14.93 0.60
C ARG A 397 29.21 14.79 2.06
N PRO A 398 28.69 13.65 2.47
CA PRO A 398 28.32 13.46 3.88
C PRO A 398 29.53 13.06 4.71
N LYS A 399 29.46 13.38 6.00
CA LYS A 399 30.52 12.99 6.92
C LYS A 399 30.62 11.46 7.02
N LEU A 400 29.50 10.76 6.84
CA LEU A 400 29.47 9.31 6.90
C LEU A 400 29.53 8.73 5.49
N GLU A 401 30.57 7.96 5.20
CA GLU A 401 30.71 7.23 3.94
C GLU A 401 30.79 5.75 4.30
N THR A 402 29.65 5.07 4.31
CA THR A 402 29.55 3.75 4.91
C THR A 402 28.93 2.74 3.96
N VAL A 403 29.18 1.47 4.25
CA VAL A 403 28.51 0.34 3.62
C VAL A 403 27.70 -0.36 4.70
N ARG A 404 26.40 -0.49 4.47
CA ARG A 404 25.47 -1.00 5.47
C ARG A 404 25.24 -2.49 5.28
N LEU A 405 25.51 -3.27 6.33
CA LEU A 405 25.18 -4.69 6.38
C LEU A 405 23.94 -4.80 7.24
N THR A 406 22.77 -4.81 6.61
CA THR A 406 21.49 -4.77 7.31
C THR A 406 20.97 -6.19 7.50
N ILE A 407 20.63 -6.54 8.73
CA ILE A 407 20.32 -7.92 9.11
C ILE A 407 18.80 -8.05 9.20
N PRO A 408 18.15 -8.81 8.30
CA PRO A 408 16.75 -9.15 8.51
C PRO A 408 16.56 -9.98 9.77
N ARG A 409 15.37 -9.90 10.35
CA ARG A 409 15.10 -10.54 11.63
C ARG A 409 14.71 -12.00 11.42
N ARG A 410 15.41 -12.89 12.15
CA ARG A 410 15.11 -14.32 12.21
C ARG A 410 15.35 -15.04 10.89
N VAL A 411 16.17 -14.47 10.00
CA VAL A 411 16.43 -15.07 8.70
C VAL A 411 17.76 -15.79 8.65
N TYR A 412 18.79 -15.26 9.31
CA TYR A 412 20.14 -15.79 9.20
C TYR A 412 20.67 -16.26 10.55
N THR A 413 21.75 -17.03 10.50
CA THR A 413 22.37 -17.65 11.67
C THR A 413 23.72 -17.00 11.96
N TYR A 414 24.34 -17.42 13.05
CA TYR A 414 25.72 -16.99 13.34
C TYR A 414 26.68 -17.49 12.28
N ALA A 415 26.44 -18.69 11.73
CA ALA A 415 27.31 -19.19 10.67
C ALA A 415 27.20 -18.33 9.41
N HIS A 416 26.02 -17.77 9.15
CA HIS A 416 25.89 -16.82 8.05
C HIS A 416 26.67 -15.54 8.36
N MET A 417 26.65 -15.11 9.62
CA MET A 417 27.44 -13.94 10.02
C MET A 417 28.93 -14.22 9.86
N ASP A 418 29.36 -15.45 10.12
CA ASP A 418 30.76 -15.81 9.92
C ASP A 418 31.15 -15.73 8.46
N VAL A 419 30.24 -16.12 7.56
CA VAL A 419 30.51 -15.99 6.13
C VAL A 419 30.71 -14.52 5.75
N VAL A 420 29.87 -13.65 6.28
CA VAL A 420 30.01 -12.22 6.03
C VAL A 420 31.32 -11.71 6.60
N ALA A 421 31.60 -12.05 7.87
CA ALA A 421 32.79 -11.54 8.54
C ALA A 421 34.06 -12.05 7.88
N ASP A 422 34.16 -13.37 7.69
CA ASP A 422 35.39 -13.96 7.15
C ASP A 422 35.72 -13.40 5.78
N GLY A 423 34.69 -13.15 4.96
CA GLY A 423 34.94 -12.60 3.63
C GLY A 423 35.38 -11.15 3.66
N ILE A 424 34.75 -10.34 4.51
CA ILE A 424 35.15 -8.94 4.62
C ILE A 424 36.53 -8.83 5.24
N ILE A 425 36.84 -9.68 6.22
CA ILE A 425 38.17 -9.66 6.83
C ILE A 425 39.24 -10.01 5.80
N LYS A 426 38.96 -10.99 4.93
CA LYS A 426 39.89 -11.30 3.87
C LYS A 426 39.99 -10.14 2.87
N LEU A 427 38.86 -9.50 2.56
CA LEU A 427 38.89 -8.32 1.70
C LEU A 427 39.71 -7.20 2.33
N TYR A 428 39.56 -6.99 3.63
CA TYR A 428 40.29 -5.91 4.29
C TYR A 428 41.79 -6.14 4.27
N GLN A 429 42.23 -7.41 4.27
CA GLN A 429 43.64 -7.71 4.19
C GLN A 429 44.23 -7.42 2.83
N HIS A 430 43.40 -7.09 1.84
CA HIS A 430 43.84 -6.68 0.51
C HIS A 430 43.07 -5.46 0.05
N LYS A 431 42.80 -4.53 0.99
CA LYS A 431 42.00 -3.37 0.66
C LYS A 431 42.66 -2.48 -0.38
N GLU A 432 43.98 -2.60 -0.57
CA GLU A 432 44.66 -1.83 -1.60
C GLU A 432 44.22 -2.24 -3.00
N ASP A 433 43.69 -3.45 -3.16
CA ASP A 433 43.26 -3.93 -4.47
C ASP A 433 41.86 -3.47 -4.85
N ILE A 434 41.12 -2.86 -3.93
CA ILE A 434 39.79 -2.35 -4.26
C ILE A 434 39.95 -1.06 -5.04
N ARG A 435 39.48 -1.07 -6.28
CA ARG A 435 39.61 0.06 -7.18
C ARG A 435 38.32 0.87 -7.18
N GLY A 436 38.40 2.07 -7.73
CA GLY A 436 37.26 2.96 -7.81
C GLY A 436 36.34 2.58 -8.95
N LEU A 437 35.23 3.30 -9.04
CA LEU A 437 34.26 3.10 -10.11
C LEU A 437 34.04 4.42 -10.83
N LYS A 438 33.43 4.36 -12.02
CA LYS A 438 33.14 5.53 -12.82
C LYS A 438 31.66 5.58 -13.16
N PHE A 439 31.10 6.79 -13.16
CA PHE A 439 29.71 6.98 -13.55
C PHE A 439 29.49 6.51 -14.98
N ILE A 440 28.39 5.78 -15.19
CA ILE A 440 27.94 5.39 -16.52
C ILE A 440 26.51 5.82 -16.82
N TYR A 441 25.66 6.03 -15.82
CA TYR A 441 24.29 6.48 -16.03
C TYR A 441 24.05 7.77 -15.25
N GLU A 442 23.46 8.74 -15.94
CA GLU A 442 23.15 10.06 -15.37
C GLU A 442 22.42 9.92 -14.04
N PRO A 443 22.82 10.68 -13.01
CA PRO A 443 22.18 10.57 -11.69
C PRO A 443 20.82 11.27 -11.63
N LYS A 444 19.87 10.74 -12.40
CA LYS A 444 18.51 11.26 -12.40
C LYS A 444 17.86 10.97 -11.05
N GLN A 445 17.71 12.02 -10.23
CA GLN A 445 17.08 11.93 -8.90
C GLN A 445 17.86 10.92 -8.05
N LEU A 446 17.24 9.84 -7.59
CA LEU A 446 17.86 8.87 -6.68
C LEU A 446 18.76 7.93 -7.48
N ARG A 447 20.02 8.35 -7.67
CA ARG A 447 20.95 7.59 -8.49
C ARG A 447 21.39 6.28 -7.84
N ALA A 448 21.30 6.17 -6.51
CA ALA A 448 21.73 4.95 -5.84
C ALA A 448 20.97 3.72 -6.33
N PHE A 449 19.76 3.90 -6.87
CA PHE A 449 18.92 2.76 -7.23
C PHE A 449 19.17 2.24 -8.63
N THR A 450 19.58 3.10 -9.57
CA THR A 450 19.66 2.72 -10.97
C THR A 450 20.97 3.06 -11.66
N ALA A 451 21.90 3.76 -11.01
CA ALA A 451 23.16 4.11 -11.65
C ALA A 451 24.00 2.86 -11.92
N ARG A 452 24.82 2.95 -12.97
CA ARG A 452 25.71 1.87 -13.36
C ARG A 452 27.15 2.38 -13.38
N PHE A 453 28.10 1.49 -13.10
CA PHE A 453 29.49 1.91 -12.99
C PHE A 453 30.40 0.89 -13.69
N ASP A 454 31.68 1.23 -13.75
CA ASP A 454 32.72 0.35 -14.29
C ASP A 454 34.08 0.99 -14.04
N TYR A 455 35.12 0.15 -14.08
CA TYR A 455 36.50 0.63 -13.98
C TYR A 455 37.48 -0.15 -14.84
N ILE A 456 37.24 -1.43 -15.12
CA ILE A 456 38.12 -2.21 -15.97
C ILE A 456 37.72 -1.93 -17.43
N ASN B 2 -27.83 -21.31 -20.57
CA ASN B 2 -28.16 -20.25 -19.63
C ASN B 2 -27.05 -19.98 -18.62
N TYR B 3 -27.09 -20.65 -17.48
CA TYR B 3 -26.15 -20.36 -16.40
C TYR B 3 -25.24 -21.55 -16.15
N PRO B 4 -23.94 -21.42 -16.35
CA PRO B 4 -23.03 -22.56 -16.17
C PRO B 4 -22.69 -22.80 -14.70
N ALA B 5 -22.39 -24.05 -14.39
CA ALA B 5 -21.90 -24.39 -13.06
C ALA B 5 -20.50 -23.80 -12.85
N GLU B 6 -20.07 -23.75 -11.60
CA GLU B 6 -18.76 -23.20 -11.28
C GLU B 6 -17.67 -23.99 -12.01
N PRO B 7 -16.78 -23.33 -12.75
CA PRO B 7 -15.72 -24.08 -13.43
C PRO B 7 -14.55 -24.38 -12.52
N PHE B 8 -14.84 -24.81 -11.29
CA PHE B 8 -13.81 -25.11 -10.29
C PHE B 8 -14.47 -25.86 -9.14
N ARG B 9 -13.65 -26.46 -8.29
CA ARG B 9 -14.09 -27.06 -7.06
C ARG B 9 -13.71 -26.18 -5.88
N ILE B 10 -14.42 -26.35 -4.77
CA ILE B 10 -14.06 -25.67 -3.54
C ILE B 10 -12.88 -26.40 -2.91
N LYS B 11 -11.78 -25.68 -2.70
CA LYS B 11 -10.62 -26.24 -2.04
C LYS B 11 -10.67 -26.02 -0.53
N SER B 12 -11.01 -24.82 -0.08
CA SER B 12 -11.15 -24.52 1.33
C SER B 12 -12.32 -23.56 1.54
N VAL B 13 -12.92 -23.64 2.73
CA VAL B 13 -14.11 -22.86 3.05
C VAL B 13 -13.78 -21.86 4.14
N GLU B 14 -14.62 -20.83 4.24
CA GLU B 14 -14.48 -19.77 5.23
C GLU B 14 -15.66 -19.87 6.21
N THR B 15 -15.34 -19.90 7.50
CA THR B 15 -16.36 -20.01 8.53
C THR B 15 -17.16 -18.73 8.64
N VAL B 16 -18.49 -18.88 8.75
CA VAL B 16 -19.40 -17.76 8.93
C VAL B 16 -20.29 -18.04 10.13
N SER B 17 -20.84 -16.97 10.70
CA SER B 17 -21.79 -17.07 11.80
C SER B 17 -23.21 -16.95 11.25
N MET B 18 -24.03 -17.96 11.49
CA MET B 18 -25.42 -17.97 11.07
C MET B 18 -26.30 -17.48 12.22
N ILE B 19 -26.22 -16.17 12.48
CA ILE B 19 -27.00 -15.60 13.57
C ILE B 19 -28.44 -15.38 13.09
N PRO B 20 -29.44 -15.58 13.96
CA PRO B 20 -30.83 -15.44 13.52
C PRO B 20 -31.23 -13.98 13.34
N ARG B 21 -32.45 -13.81 12.83
CA ARG B 21 -32.94 -12.47 12.48
C ARG B 21 -32.95 -11.54 13.68
N ASP B 22 -33.40 -12.03 14.85
CA ASP B 22 -33.48 -11.17 16.02
C ASP B 22 -32.10 -10.66 16.42
N GLU B 23 -31.08 -11.51 16.35
CA GLU B 23 -29.72 -11.05 16.61
C GLU B 23 -29.24 -10.09 15.52
N ARG B 24 -29.55 -10.41 14.27
CA ARG B 24 -29.16 -9.53 13.17
C ARG B 24 -29.73 -8.14 13.34
N LEU B 25 -30.97 -8.03 13.82
CA LEU B 25 -31.57 -6.74 14.10
C LEU B 25 -30.79 -5.98 15.17
N LYS B 26 -30.38 -6.68 16.22
CA LYS B 26 -29.59 -6.03 17.26
C LYS B 26 -28.23 -5.58 16.72
N LYS B 27 -27.61 -6.40 15.86
CA LYS B 27 -26.36 -6.00 15.23
C LYS B 27 -26.56 -4.75 14.38
N MET B 28 -27.68 -4.68 13.64
CA MET B 28 -27.94 -3.53 12.78
C MET B 28 -28.20 -2.28 13.60
N GLN B 29 -28.89 -2.42 14.74
CA GLN B 29 -29.09 -1.28 15.61
C GLN B 29 -27.78 -0.79 16.21
N GLU B 30 -26.92 -1.72 16.64
CA GLU B 30 -25.60 -1.36 17.14
C GLU B 30 -24.80 -0.62 16.08
N ALA B 31 -24.97 -0.99 14.81
CA ALA B 31 -24.31 -0.33 13.70
C ALA B 31 -25.00 0.97 13.29
N GLY B 32 -26.06 1.36 14.00
CA GLY B 32 -26.78 2.58 13.64
C GLY B 32 -27.47 2.49 12.30
N TYR B 33 -27.87 1.28 11.89
CA TYR B 33 -28.55 1.03 10.62
C TYR B 33 -27.69 1.39 9.41
N ASN B 34 -26.37 1.44 9.59
CA ASN B 34 -25.41 1.69 8.52
C ASN B 34 -24.64 0.39 8.27
N THR B 35 -24.84 -0.20 7.09
CA THR B 35 -24.17 -1.46 6.78
C THR B 35 -22.66 -1.31 6.77
N PHE B 36 -22.15 -0.10 6.51
CA PHE B 36 -20.70 0.11 6.58
C PHE B 36 -20.15 -0.10 7.98
N LEU B 37 -21.00 -0.02 9.01
CA LEU B 37 -20.55 -0.17 10.38
C LEU B 37 -20.79 -1.55 10.95
N LEU B 38 -21.28 -2.49 10.15
CA LEU B 38 -21.44 -3.86 10.60
C LEU B 38 -20.10 -4.56 10.69
N ASN B 39 -19.95 -5.44 11.67
CA ASN B 39 -18.75 -6.25 11.78
C ASN B 39 -18.79 -7.39 10.76
N SER B 40 -17.63 -7.68 10.17
CA SER B 40 -17.56 -8.76 9.18
C SER B 40 -18.01 -10.08 9.78
N LYS B 41 -17.66 -10.34 11.04
CA LYS B 41 -18.00 -11.60 11.69
C LYS B 41 -19.51 -11.81 11.86
N ASP B 42 -20.31 -10.76 11.68
CA ASP B 42 -21.75 -10.85 11.86
C ASP B 42 -22.51 -10.93 10.54
N ILE B 43 -21.82 -11.23 9.44
CA ILE B 43 -22.40 -11.17 8.10
C ILE B 43 -22.27 -12.53 7.44
N TYR B 44 -23.39 -13.01 6.87
CA TYR B 44 -23.41 -14.27 6.15
C TYR B 44 -22.84 -14.10 4.74
N ILE B 45 -23.46 -13.22 3.95
CA ILE B 45 -23.06 -12.96 2.56
C ILE B 45 -22.74 -11.48 2.46
N ASP B 46 -21.48 -11.15 2.22
CA ASP B 46 -21.01 -9.77 2.24
C ASP B 46 -20.85 -9.28 0.79
N LEU B 47 -21.86 -8.55 0.31
CA LEU B 47 -21.86 -7.98 -1.02
C LEU B 47 -21.53 -6.49 -1.02
N LEU B 48 -20.69 -6.05 -0.08
CA LEU B 48 -20.34 -4.63 0.01
C LEU B 48 -19.52 -4.19 -1.19
N THR B 49 -18.55 -5.01 -1.62
CA THR B 49 -17.72 -4.66 -2.77
C THR B 49 -17.09 -5.93 -3.31
N ASP B 50 -16.72 -5.86 -4.59
CA ASP B 50 -15.92 -6.89 -5.24
C ASP B 50 -14.43 -6.56 -5.22
N SER B 51 -14.03 -5.56 -4.43
CA SER B 51 -12.65 -5.11 -4.39
C SER B 51 -11.89 -5.82 -3.27
N GLY B 52 -10.90 -6.63 -3.66
CA GLY B 52 -10.05 -7.29 -2.68
C GLY B 52 -10.70 -8.39 -1.89
N THR B 53 -11.92 -8.79 -2.25
CA THR B 53 -12.67 -9.81 -1.52
C THR B 53 -12.70 -11.15 -2.25
N ASN B 54 -11.88 -11.32 -3.28
CA ASN B 54 -11.95 -12.50 -4.12
C ASN B 54 -11.32 -13.70 -3.43
N ALA B 55 -11.76 -14.88 -3.84
CA ALA B 55 -11.15 -16.12 -3.39
C ALA B 55 -10.03 -16.51 -4.35
N MET B 56 -8.86 -16.79 -3.80
CA MET B 56 -7.72 -17.19 -4.62
C MET B 56 -7.77 -18.70 -4.90
N SER B 57 -6.95 -19.12 -5.86
CA SER B 57 -6.87 -20.52 -6.24
C SER B 57 -5.75 -21.22 -5.48
N ASP B 58 -5.75 -22.55 -5.56
CA ASP B 58 -4.65 -23.33 -4.99
C ASP B 58 -3.31 -22.93 -5.62
N LYS B 59 -3.30 -22.64 -6.92
CA LYS B 59 -2.08 -22.19 -7.58
C LYS B 59 -1.59 -20.87 -6.98
N GLN B 60 -2.51 -19.94 -6.72
CA GLN B 60 -2.13 -18.67 -6.12
C GLN B 60 -1.58 -18.87 -4.71
N TRP B 61 -2.21 -19.74 -3.93
CA TRP B 61 -1.73 -19.99 -2.58
C TRP B 61 -0.40 -20.73 -2.58
N ALA B 62 -0.15 -21.54 -3.61
CA ALA B 62 1.18 -22.12 -3.78
C ALA B 62 2.22 -21.03 -4.02
N GLY B 63 1.88 -20.05 -4.86
CA GLY B 63 2.75 -18.90 -5.04
C GLY B 63 2.94 -18.09 -3.77
N MET B 64 1.92 -18.04 -2.92
CA MET B 64 2.04 -17.35 -1.64
C MET B 64 3.11 -17.98 -0.75
N MET B 65 3.43 -19.26 -0.95
CA MET B 65 4.49 -19.92 -0.21
C MET B 65 5.86 -19.69 -0.82
N MET B 66 5.93 -19.10 -2.00
CA MET B 66 7.20 -18.88 -2.68
CA MET B 66 7.17 -18.87 -2.73
C MET B 66 7.49 -17.39 -2.84
N GLY B 67 7.10 -16.61 -1.83
CA GLY B 67 7.34 -15.18 -1.86
C GLY B 67 8.82 -14.87 -1.73
N ASP B 68 9.38 -14.18 -2.73
CA ASP B 68 10.76 -13.69 -2.68
C ASP B 68 10.67 -12.28 -2.13
N GLU B 69 10.92 -12.13 -0.82
CA GLU B 69 10.63 -10.89 -0.12
C GLU B 69 11.77 -9.88 -0.19
N ALA B 70 12.73 -10.08 -1.09
CA ALA B 70 13.86 -9.16 -1.22
C ALA B 70 13.39 -7.76 -1.60
N TYR B 71 14.16 -6.77 -1.15
CA TYR B 71 13.81 -5.37 -1.40
C TYR B 71 14.01 -4.98 -2.85
N ALA B 72 14.92 -5.64 -3.56
CA ALA B 72 15.20 -5.36 -4.94
C ALA B 72 15.52 -6.64 -5.68
N GLY B 73 15.06 -6.74 -6.93
CA GLY B 73 15.36 -7.90 -7.74
C GLY B 73 14.58 -9.16 -7.40
N SER B 74 13.41 -9.02 -6.78
CA SER B 74 12.62 -10.19 -6.42
C SER B 74 12.15 -10.93 -7.67
N GLU B 75 12.24 -12.27 -7.61
CA GLU B 75 11.73 -13.09 -8.70
C GLU B 75 10.23 -12.89 -8.91
N ASN B 76 9.50 -12.59 -7.84
CA ASN B 76 8.05 -12.37 -7.97
C ASN B 76 7.74 -11.15 -8.83
N PHE B 77 8.54 -10.10 -8.71
CA PHE B 77 8.32 -8.92 -9.56
C PHE B 77 8.60 -9.25 -11.02
N TYR B 78 9.66 -10.01 -11.30
CA TYR B 78 9.94 -10.41 -12.67
C TYR B 78 8.84 -11.26 -13.25
N HIS B 79 8.22 -12.11 -12.43
N HIS B 79 8.23 -12.12 -12.42
CA HIS B 79 7.08 -12.89 -12.89
CA HIS B 79 7.07 -12.89 -12.88
C HIS B 79 5.89 -11.99 -13.20
C HIS B 79 5.91 -11.97 -13.20
N LEU B 80 5.59 -11.03 -12.30
CA LEU B 80 4.50 -10.10 -12.55
C LEU B 80 4.78 -9.24 -13.77
N GLU B 81 6.02 -8.73 -13.89
CA GLU B 81 6.37 -7.86 -15.00
C GLU B 81 6.16 -8.55 -16.35
N ARG B 82 6.73 -9.75 -16.52
CA ARG B 82 6.63 -10.44 -17.80
C ARG B 82 5.20 -10.86 -18.10
N THR B 83 4.41 -11.16 -17.06
CA THR B 83 3.01 -11.53 -17.29
C THR B 83 2.23 -10.37 -17.87
N VAL B 84 2.36 -9.18 -17.27
CA VAL B 84 1.62 -8.01 -17.76
C VAL B 84 2.11 -7.63 -19.15
N GLN B 85 3.43 -7.65 -19.37
CA GLN B 85 3.96 -7.37 -20.70
C GLN B 85 3.45 -8.36 -21.73
N GLU B 86 3.23 -9.61 -21.32
CA GLU B 86 2.73 -10.63 -22.24
C GLU B 86 1.23 -10.47 -22.50
N LEU B 87 0.45 -10.24 -21.45
CA LEU B 87 -1.00 -10.20 -21.59
C LEU B 87 -1.52 -8.82 -21.99
N PHE B 88 -0.96 -7.76 -21.42
CA PHE B 88 -1.41 -6.40 -21.74
C PHE B 88 -0.63 -5.78 -22.90
N GLY B 89 0.61 -6.20 -23.11
CA GLY B 89 1.42 -5.69 -24.20
C GLY B 89 2.15 -4.40 -23.91
N PHE B 90 2.02 -3.85 -22.71
CA PHE B 90 2.70 -2.60 -22.40
C PHE B 90 4.19 -2.85 -22.18
N LYS B 91 4.98 -1.79 -22.31
CA LYS B 91 6.43 -1.92 -22.27
C LYS B 91 6.97 -1.91 -20.84
N HIS B 92 6.39 -1.09 -19.97
CA HIS B 92 6.93 -0.88 -18.63
C HIS B 92 5.84 -1.09 -17.59
N ILE B 93 6.22 -1.70 -16.47
CA ILE B 93 5.29 -2.02 -15.38
C ILE B 93 5.87 -1.47 -14.07
N VAL B 94 5.02 -0.81 -13.29
CA VAL B 94 5.37 -0.37 -11.95
C VAL B 94 4.29 -0.86 -10.98
N PRO B 95 4.60 -1.76 -10.05
CA PRO B 95 3.59 -2.23 -9.11
C PRO B 95 3.24 -1.17 -8.07
N THR B 96 1.98 -1.18 -7.65
CA THR B 96 1.48 -0.33 -6.59
C THR B 96 0.67 -1.18 -5.64
N HIS B 97 0.45 -0.68 -4.42
CA HIS B 97 -0.23 -1.50 -3.42
C HIS B 97 -1.70 -1.71 -3.79
N GLN B 98 -2.33 -0.75 -4.47
CA GLN B 98 -3.63 -0.98 -5.10
C GLN B 98 -3.87 0.11 -6.14
N GLY B 99 -5.10 0.16 -6.66
CA GLY B 99 -5.38 0.97 -7.84
C GLY B 99 -5.15 2.45 -7.64
N ARG B 100 -5.64 2.99 -6.51
CA ARG B 100 -5.51 4.42 -6.29
C ARG B 100 -4.06 4.85 -6.05
N GLY B 101 -3.18 3.92 -5.70
CA GLY B 101 -1.77 4.24 -5.68
C GLY B 101 -1.20 4.48 -7.07
N ALA B 102 -1.68 3.72 -8.06
CA ALA B 102 -1.26 3.95 -9.44
C ALA B 102 -1.88 5.21 -10.01
N GLU B 103 -3.11 5.54 -9.62
CA GLU B 103 -3.74 6.76 -10.11
C GLU B 103 -3.05 8.00 -9.54
N ASN B 104 -2.59 7.91 -8.30
CA ASN B 104 -1.81 8.99 -7.71
C ASN B 104 -0.55 9.26 -8.53
N LEU B 105 0.11 8.19 -9.00
CA LEU B 105 1.30 8.35 -9.82
C LEU B 105 0.97 8.94 -11.18
N LEU B 106 -0.02 8.37 -11.86
CA LEU B 106 -0.35 8.83 -13.22
C LEU B 106 -0.80 10.29 -13.21
N SER B 107 -1.59 10.69 -12.22
CA SER B 107 -2.10 12.06 -12.19
C SER B 107 -0.97 13.07 -11.97
N GLN B 108 0.07 12.70 -11.23
CA GLN B 108 1.20 13.60 -11.03
C GLN B 108 2.17 13.59 -12.21
N LEU B 109 2.10 12.59 -13.09
CA LEU B 109 3.04 12.45 -14.19
C LEU B 109 2.52 12.98 -15.51
N ALA B 110 1.20 13.00 -15.73
CA ALA B 110 0.65 13.30 -17.04
C ALA B 110 -0.28 14.50 -17.03
N ILE B 111 -0.34 15.28 -15.95
CA ILE B 111 -1.27 16.39 -15.84
C ILE B 111 -0.49 17.65 -15.49
N LYS B 112 -0.55 18.64 -16.38
CA LYS B 112 -0.07 19.96 -16.00
C LYS B 112 -1.25 20.79 -15.48
N PRO B 113 -1.01 21.63 -14.46
CA PRO B 113 -2.12 22.39 -13.87
C PRO B 113 -2.83 23.25 -14.89
N GLY B 114 -4.15 23.08 -14.97
CA GLY B 114 -4.98 23.78 -15.92
C GLY B 114 -5.46 22.94 -17.09
N GLN B 115 -4.84 21.78 -17.32
CA GLN B 115 -5.25 20.93 -18.43
C GLN B 115 -6.56 20.22 -18.11
N TYR B 116 -7.18 19.68 -19.16
CA TYR B 116 -8.43 18.94 -19.05
C TYR B 116 -8.16 17.44 -19.08
N VAL B 117 -8.96 16.69 -18.31
CA VAL B 117 -8.99 15.24 -18.39
C VAL B 117 -10.42 14.82 -18.72
N ALA B 118 -10.58 14.04 -19.79
CA ALA B 118 -11.89 13.62 -20.26
C ALA B 118 -11.98 12.10 -20.24
N GLY B 119 -13.16 11.59 -19.91
CA GLY B 119 -13.35 10.15 -19.86
C GLY B 119 -14.81 9.76 -19.86
N ASN B 120 -15.03 8.45 -19.98
CA ASN B 120 -16.38 7.88 -19.95
C ASN B 120 -16.81 7.78 -18.49
N MET B 121 -17.43 8.87 -18.00
CA MET B 121 -17.78 9.02 -16.59
C MET B 121 -16.53 8.96 -15.72
N TYR B 122 -16.71 8.93 -14.40
CA TYR B 122 -15.57 9.05 -13.50
C TYR B 122 -15.71 8.02 -12.37
N PHE B 123 -14.64 7.91 -11.58
CA PHE B 123 -14.67 7.23 -10.31
C PHE B 123 -14.12 8.17 -9.25
N THR B 124 -14.52 7.93 -8.00
CA THR B 124 -14.22 8.88 -6.92
C THR B 124 -12.72 9.08 -6.75
N THR B 125 -11.96 7.99 -6.59
CA THR B 125 -10.53 8.12 -6.35
C THR B 125 -9.80 8.60 -7.60
N THR B 126 -10.20 8.11 -8.77
CA THR B 126 -9.54 8.54 -10.01
C THR B 126 -9.73 10.03 -10.25
N ARG B 127 -10.96 10.52 -10.09
CA ARG B 127 -11.24 11.94 -10.32
C ARG B 127 -10.59 12.83 -9.26
N TYR B 128 -10.44 12.33 -8.03
CA TYR B 128 -9.81 13.13 -6.99
C TYR B 128 -8.36 13.43 -7.33
N HIS B 129 -7.59 12.41 -7.70
CA HIS B 129 -6.18 12.63 -8.02
C HIS B 129 -6.01 13.49 -9.26
N GLN B 130 -6.94 13.40 -10.21
CA GLN B 130 -6.92 14.29 -11.36
C GLN B 130 -7.16 15.73 -10.95
N GLU B 131 -8.20 15.97 -10.14
CA GLU B 131 -8.52 17.33 -9.74
C GLU B 131 -7.51 17.88 -8.73
N LYS B 132 -6.96 17.03 -7.87
CA LYS B 132 -5.96 17.49 -6.92
C LYS B 132 -4.71 17.99 -7.63
N ASN B 133 -4.40 17.44 -8.81
CA ASN B 133 -3.23 17.83 -9.58
C ASN B 133 -3.54 18.94 -10.60
N GLY B 134 -4.67 19.61 -10.44
CA GLY B 134 -4.95 20.79 -11.25
C GLY B 134 -5.69 20.53 -12.55
N ALA B 135 -6.40 19.41 -12.67
CA ALA B 135 -7.13 19.11 -13.89
C ALA B 135 -8.62 19.41 -13.71
N VAL B 136 -9.29 19.64 -14.83
CA VAL B 136 -10.74 19.82 -14.89
C VAL B 136 -11.32 18.63 -15.62
N PHE B 137 -12.23 17.92 -14.97
CA PHE B 137 -12.81 16.72 -15.55
C PHE B 137 -13.92 17.07 -16.53
N VAL B 138 -14.00 16.31 -17.62
CA VAL B 138 -15.01 16.48 -18.64
C VAL B 138 -15.58 15.11 -18.96
N ASP B 139 -16.90 14.95 -18.78
CA ASP B 139 -17.55 13.68 -19.09
C ASP B 139 -17.88 13.64 -20.57
N ILE B 140 -17.31 12.66 -21.28
CA ILE B 140 -17.56 12.51 -22.71
C ILE B 140 -18.23 11.17 -23.01
N VAL B 141 -18.87 10.56 -22.01
CA VAL B 141 -19.60 9.32 -22.25
C VAL B 141 -20.84 9.61 -23.08
N ARG B 142 -21.34 8.57 -23.75
CA ARG B 142 -22.57 8.70 -24.52
C ARG B 142 -23.73 9.01 -23.58
N ASP B 143 -24.68 9.80 -24.10
CA ASP B 143 -25.82 10.24 -23.28
C ASP B 143 -26.65 9.06 -22.78
N GLU B 144 -26.66 7.95 -23.53
CA GLU B 144 -27.47 6.80 -23.13
C GLU B 144 -27.01 6.20 -21.81
N ALA B 145 -25.75 6.42 -21.41
CA ALA B 145 -25.24 5.87 -20.17
C ALA B 145 -25.93 6.46 -18.94
N HIS B 146 -26.58 7.62 -19.08
CA HIS B 146 -27.24 8.28 -17.96
C HIS B 146 -28.70 7.85 -17.82
N ASP B 147 -29.18 6.92 -18.64
CA ASP B 147 -30.54 6.39 -18.52
C ASP B 147 -30.43 5.04 -17.82
N ALA B 148 -30.92 4.96 -16.58
CA ALA B 148 -30.74 3.75 -15.78
C ALA B 148 -31.53 2.58 -16.34
N GLY B 149 -32.68 2.83 -16.96
CA GLY B 149 -33.54 1.76 -17.44
C GLY B 149 -33.32 1.33 -18.86
N LEU B 150 -32.55 2.10 -19.64
CA LEU B 150 -32.33 1.76 -21.04
C LEU B 150 -31.43 0.53 -21.15
N ASN B 151 -31.97 -0.55 -21.71
CA ASN B 151 -31.25 -1.82 -21.82
C ASN B 151 -30.62 -1.87 -23.21
N ILE B 152 -29.39 -1.37 -23.32
CA ILE B 152 -28.62 -1.43 -24.55
C ILE B 152 -27.21 -1.88 -24.23
N ALA B 153 -26.52 -2.34 -25.28
CA ALA B 153 -25.18 -2.89 -25.13
C ALA B 153 -24.13 -1.79 -25.18
N PHE B 154 -23.04 -1.99 -24.44
CA PHE B 154 -21.87 -1.11 -24.45
C PHE B 154 -22.24 0.33 -24.10
N LYS B 155 -22.93 0.49 -22.97
CA LYS B 155 -23.31 1.81 -22.50
C LYS B 155 -22.11 2.69 -22.17
N GLY B 156 -20.95 2.10 -21.91
CA GLY B 156 -19.78 2.86 -21.51
C GLY B 156 -18.99 3.49 -22.63
N ASP B 157 -19.47 3.39 -23.88
CA ASP B 157 -18.72 3.92 -25.01
C ASP B 157 -18.57 5.44 -24.93
N ILE B 158 -17.42 5.93 -25.38
CA ILE B 158 -17.19 7.36 -25.46
C ILE B 158 -17.99 7.94 -26.62
N ASP B 159 -18.63 9.09 -26.38
CA ASP B 159 -19.32 9.81 -27.43
C ASP B 159 -18.27 10.57 -28.25
N LEU B 160 -18.04 10.13 -29.48
CA LEU B 160 -17.01 10.76 -30.32
C LEU B 160 -17.34 12.21 -30.62
N LYS B 161 -18.63 12.56 -30.64
CA LYS B 161 -19.01 13.95 -30.88
C LYS B 161 -18.59 14.84 -29.72
N LYS B 162 -18.77 14.37 -28.48
CA LYS B 162 -18.34 15.13 -27.32
C LYS B 162 -16.82 15.31 -27.32
N LEU B 163 -16.09 14.26 -27.71
CA LEU B 163 -14.63 14.36 -27.75
C LEU B 163 -14.17 15.34 -28.83
N GLN B 164 -14.82 15.33 -29.99
CA GLN B 164 -14.44 16.23 -31.07
C GLN B 164 -14.67 17.69 -30.67
N LYS B 165 -15.79 17.96 -29.99
CA LYS B 165 -16.09 19.33 -29.58
C LYS B 165 -15.15 19.82 -28.48
N LEU B 166 -14.75 18.92 -27.57
CA LEU B 166 -13.81 19.32 -26.52
C LEU B 166 -12.47 19.71 -27.09
N ILE B 167 -11.99 18.95 -28.09
CA ILE B 167 -10.71 19.26 -28.72
C ILE B 167 -10.80 20.60 -29.45
N ASP B 168 -11.95 20.89 -30.05
CA ASP B 168 -12.10 22.14 -30.79
C ASP B 168 -12.31 23.33 -29.85
N GLU B 169 -13.02 23.13 -28.75
CA GLU B 169 -13.34 24.24 -27.86
C GLU B 169 -12.18 24.61 -26.95
N LYS B 170 -11.33 23.66 -26.58
CA LYS B 170 -10.24 23.91 -25.65
C LYS B 170 -8.85 23.75 -26.25
N GLY B 171 -8.70 22.98 -27.31
CA GLY B 171 -7.39 22.76 -27.90
C GLY B 171 -6.70 21.51 -27.38
N ALA B 172 -5.95 20.82 -28.25
CA ALA B 172 -5.28 19.60 -27.85
C ALA B 172 -4.18 19.85 -26.84
N GLU B 173 -3.58 21.05 -26.85
CA GLU B 173 -2.52 21.36 -25.89
C GLU B 173 -3.04 21.43 -24.46
N ASN B 174 -4.32 21.73 -24.27
CA ASN B 174 -4.91 21.85 -22.94
C ASN B 174 -5.61 20.57 -22.49
N ILE B 175 -5.43 19.47 -23.21
CA ILE B 175 -6.01 18.18 -22.84
C ILE B 175 -4.88 17.29 -22.35
N ALA B 176 -4.92 16.95 -21.06
CA ALA B 176 -3.90 16.07 -20.49
C ALA B 176 -3.93 14.70 -21.15
N TYR B 177 -5.04 13.98 -21.00
CA TYR B 177 -5.22 12.68 -21.63
C TYR B 177 -6.70 12.30 -21.57
N ILE B 178 -7.03 11.21 -22.24
CA ILE B 178 -8.36 10.61 -22.17
C ILE B 178 -8.28 9.40 -21.25
N CYS B 179 -9.13 9.39 -20.22
N CYS B 179 -9.13 9.39 -20.22
CA CYS B 179 -9.17 8.30 -19.25
CA CYS B 179 -9.17 8.30 -19.25
C CYS B 179 -10.36 7.41 -19.61
C CYS B 179 -10.36 7.40 -19.58
N LEU B 180 -10.08 6.29 -20.26
CA LEU B 180 -11.11 5.35 -20.69
C LEU B 180 -11.15 4.20 -19.70
N ALA B 181 -12.27 4.06 -18.99
CA ALA B 181 -12.43 3.03 -17.97
C ALA B 181 -13.19 1.84 -18.55
N VAL B 182 -12.68 0.64 -18.27
CA VAL B 182 -13.34 -0.61 -18.65
C VAL B 182 -13.31 -1.54 -17.44
N THR B 183 -14.49 -1.89 -16.92
CA THR B 183 -15.76 -1.34 -17.36
C THR B 183 -16.04 0.03 -16.70
N VAL B 184 -17.25 0.53 -16.87
CA VAL B 184 -17.65 1.80 -16.27
C VAL B 184 -18.43 1.49 -15.00
N ASN B 185 -17.80 1.70 -13.86
CA ASN B 185 -18.42 1.34 -12.58
C ASN B 185 -19.61 2.24 -12.27
N LEU B 186 -19.48 3.54 -12.52
CA LEU B 186 -20.53 4.48 -12.13
C LEU B 186 -21.81 4.27 -12.93
N ALA B 187 -21.71 3.78 -14.16
CA ALA B 187 -22.89 3.50 -14.96
C ALA B 187 -23.51 2.14 -14.65
N GLY B 188 -22.95 1.42 -13.69
CA GLY B 188 -23.44 0.11 -13.31
C GLY B 188 -22.61 -1.07 -13.78
N GLY B 189 -21.33 -0.86 -14.07
CA GLY B 189 -20.50 -1.92 -14.62
C GLY B 189 -20.71 -2.16 -16.10
N GLN B 190 -20.94 -1.10 -16.88
CA GLN B 190 -21.25 -1.22 -18.31
C GLN B 190 -19.97 -1.28 -19.12
N PRO B 191 -19.94 -2.13 -20.14
CA PRO B 191 -18.71 -2.35 -20.91
C PRO B 191 -18.52 -1.33 -22.03
N VAL B 192 -17.30 -1.31 -22.57
CA VAL B 192 -16.92 -0.47 -23.69
C VAL B 192 -16.58 -1.38 -24.87
N SER B 193 -17.12 -1.05 -26.04
CA SER B 193 -16.89 -1.86 -27.23
C SER B 193 -15.49 -1.63 -27.79
N MET B 194 -14.97 -2.65 -28.47
CA MET B 194 -13.68 -2.52 -29.13
C MET B 194 -13.72 -1.46 -30.23
N ALA B 195 -14.85 -1.33 -30.92
CA ALA B 195 -14.97 -0.30 -31.94
C ALA B 195 -14.81 1.10 -31.34
N ASN B 196 -15.34 1.30 -30.14
CA ASN B 196 -15.20 2.60 -29.49
C ASN B 196 -13.73 2.87 -29.13
N MET B 197 -13.02 1.86 -28.61
CA MET B 197 -11.62 2.05 -28.28
C MET B 197 -10.79 2.34 -29.53
N ARG B 198 -11.13 1.71 -30.65
CA ARG B 198 -10.42 2.00 -31.90
C ARG B 198 -10.67 3.43 -32.36
N ALA B 199 -11.92 3.89 -32.29
CA ALA B 199 -12.24 5.24 -32.73
C ALA B 199 -11.59 6.28 -31.83
N VAL B 200 -11.55 6.03 -30.51
CA VAL B 200 -10.92 6.98 -29.60
C VAL B 200 -9.43 7.07 -29.89
N ARG B 201 -8.77 5.93 -30.09
CA ARG B 201 -7.34 5.94 -30.40
C ARG B 201 -7.06 6.66 -31.71
N GLU B 202 -7.92 6.47 -32.71
CA GLU B 202 -7.71 7.12 -34.01
C GLU B 202 -7.87 8.64 -33.91
N LEU B 203 -8.85 9.10 -33.11
CA LEU B 203 -9.09 10.53 -33.02
C LEU B 203 -8.02 11.21 -32.16
N THR B 204 -7.61 10.57 -31.07
CA THR B 204 -6.62 11.18 -30.19
C THR B 204 -5.23 11.17 -30.82
N ALA B 205 -4.89 10.11 -31.56
CA ALA B 205 -3.56 10.03 -32.16
C ALA B 205 -3.36 11.11 -33.22
N ALA B 206 -4.43 11.55 -33.87
CA ALA B 206 -4.31 12.61 -34.87
C ALA B 206 -3.99 13.96 -34.24
N HIS B 207 -4.23 14.13 -32.94
CA HIS B 207 -3.95 15.37 -32.25
C HIS B 207 -2.84 15.22 -31.21
N GLY B 208 -2.19 14.06 -31.15
CA GLY B 208 -1.12 13.86 -30.20
C GLY B 208 -1.56 13.75 -28.76
N ILE B 209 -2.81 13.37 -28.51
CA ILE B 209 -3.36 13.27 -27.16
C ILE B 209 -3.17 11.85 -26.67
N LYS B 210 -2.67 11.72 -25.43
CA LYS B 210 -2.46 10.41 -24.84
C LYS B 210 -3.79 9.81 -24.38
N VAL B 211 -3.81 8.49 -24.25
CA VAL B 211 -4.97 7.75 -23.77
C VAL B 211 -4.49 6.74 -22.74
N PHE B 212 -5.05 6.81 -21.54
CA PHE B 212 -4.73 5.90 -20.45
C PHE B 212 -6.01 5.21 -20.00
N TYR B 213 -5.95 3.88 -19.83
CA TYR B 213 -7.11 3.10 -19.44
C TYR B 213 -7.18 2.93 -17.93
N ASP B 214 -8.41 2.89 -17.41
CA ASP B 214 -8.68 2.37 -16.07
C ASP B 214 -9.12 0.93 -16.27
N ALA B 215 -8.15 0.01 -16.21
CA ALA B 215 -8.35 -1.38 -16.57
C ALA B 215 -8.83 -2.22 -15.40
N THR B 216 -9.38 -1.59 -14.37
CA THR B 216 -9.72 -2.29 -13.12
C THR B 216 -10.58 -3.53 -13.38
N ARG B 217 -11.57 -3.42 -14.26
CA ARG B 217 -12.40 -4.57 -14.59
C ARG B 217 -12.34 -4.87 -16.09
N CYS B 218 -11.12 -4.90 -16.65
CA CYS B 218 -10.96 -5.08 -18.08
C CYS B 218 -11.29 -6.49 -18.54
N VAL B 219 -11.17 -7.49 -17.66
CA VAL B 219 -11.45 -8.86 -18.06
C VAL B 219 -12.95 -9.06 -18.22
N GLU B 220 -13.74 -8.53 -17.28
CA GLU B 220 -15.19 -8.50 -17.46
C GLU B 220 -15.57 -7.77 -18.74
N ASN B 221 -14.88 -6.67 -19.04
CA ASN B 221 -15.14 -5.93 -20.28
C ASN B 221 -14.83 -6.79 -21.49
N ALA B 222 -13.75 -7.58 -21.42
CA ALA B 222 -13.37 -8.43 -22.54
C ALA B 222 -14.40 -9.51 -22.81
N TYR B 223 -15.04 -10.04 -21.76
CA TYR B 223 -16.07 -11.05 -21.97
C TYR B 223 -17.27 -10.46 -22.69
N PHE B 224 -17.70 -9.26 -22.30
CA PHE B 224 -18.82 -8.62 -22.98
C PHE B 224 -18.54 -8.42 -24.46
N ILE B 225 -17.28 -8.15 -24.82
CA ILE B 225 -16.92 -8.02 -26.23
C ILE B 225 -17.05 -9.36 -26.93
N LYS B 226 -16.53 -10.42 -26.32
CA LYS B 226 -16.63 -11.75 -26.92
C LYS B 226 -18.08 -12.22 -27.01
N GLU B 227 -18.92 -11.78 -26.09
CA GLU B 227 -20.31 -12.26 -26.08
C GLU B 227 -21.19 -11.46 -27.02
N GLN B 228 -21.00 -10.14 -27.10
CA GLN B 228 -21.99 -9.26 -27.70
C GLN B 228 -21.49 -8.42 -28.88
N GLU B 229 -20.18 -8.37 -29.13
CA GLU B 229 -19.65 -7.58 -30.24
C GLU B 229 -19.35 -8.51 -31.41
N GLN B 230 -19.94 -8.21 -32.56
CA GLN B 230 -19.80 -9.08 -33.73
C GLN B 230 -18.36 -9.09 -34.23
N GLY B 231 -17.85 -10.28 -34.53
CA GLY B 231 -16.50 -10.44 -35.05
C GLY B 231 -15.49 -10.93 -34.04
N PHE B 232 -15.85 -10.99 -32.76
CA PHE B 232 -14.95 -11.44 -31.72
C PHE B 232 -15.36 -12.78 -31.13
N GLU B 233 -16.27 -13.50 -31.79
CA GLU B 233 -16.72 -14.79 -31.28
C GLU B 233 -15.65 -15.86 -31.37
N ASN B 234 -14.68 -15.70 -32.27
CA ASN B 234 -13.62 -16.68 -32.45
C ASN B 234 -12.34 -16.32 -31.69
N LYS B 235 -12.31 -15.17 -31.03
CA LYS B 235 -11.12 -14.71 -30.33
C LYS B 235 -11.18 -15.07 -28.86
N SER B 236 -10.04 -15.45 -28.30
CA SER B 236 -9.96 -15.81 -26.89
C SER B 236 -9.99 -14.55 -26.04
N ILE B 237 -10.20 -14.75 -24.73
CA ILE B 237 -10.22 -13.64 -23.79
C ILE B 237 -8.88 -12.90 -23.82
N ALA B 238 -7.78 -13.65 -23.85
CA ALA B 238 -6.46 -13.03 -23.87
C ALA B 238 -6.23 -12.23 -25.14
N GLU B 239 -6.67 -12.77 -26.29
CA GLU B 239 -6.54 -12.03 -27.55
C GLU B 239 -7.31 -10.72 -27.51
N ILE B 240 -8.49 -10.73 -26.89
CA ILE B 240 -9.29 -9.51 -26.80
C ILE B 240 -8.66 -8.52 -25.85
N VAL B 241 -8.16 -9.00 -24.70
CA VAL B 241 -7.48 -8.11 -23.76
C VAL B 241 -6.27 -7.47 -24.41
N HIS B 242 -5.47 -8.26 -25.14
CA HIS B 242 -4.26 -7.73 -25.75
C HIS B 242 -4.58 -6.66 -26.79
N GLU B 243 -5.68 -6.83 -27.53
CA GLU B 243 -6.07 -5.82 -28.52
C GLU B 243 -6.63 -4.58 -27.85
N MET B 244 -7.33 -4.74 -26.72
CA MET B 244 -7.88 -3.58 -26.03
C MET B 244 -6.80 -2.57 -25.67
N PHE B 245 -5.71 -3.05 -25.06
CA PHE B 245 -4.64 -2.17 -24.63
C PHE B 245 -3.72 -1.74 -25.77
N SER B 246 -3.87 -2.31 -26.96
CA SER B 246 -3.11 -1.80 -28.10
C SER B 246 -3.57 -0.41 -28.53
N TYR B 247 -4.72 0.04 -28.05
CA TYR B 247 -5.23 1.38 -28.33
C TYR B 247 -5.01 2.33 -27.17
N ALA B 248 -4.09 2.00 -26.25
CA ALA B 248 -3.81 2.83 -25.09
C ALA B 248 -2.31 3.05 -24.97
N ASP B 249 -1.95 4.17 -24.35
CA ASP B 249 -0.57 4.49 -24.05
C ASP B 249 -0.14 4.04 -22.65
N GLY B 250 -1.09 3.52 -21.87
CA GLY B 250 -0.81 3.09 -20.52
C GLY B 250 -2.09 2.73 -19.82
N CYS B 251 -1.97 2.35 -18.56
CA CYS B 251 -3.15 2.01 -17.79
C CYS B 251 -2.84 2.05 -16.30
N THR B 252 -3.89 2.29 -15.51
CA THR B 252 -3.89 2.05 -14.08
C THR B 252 -4.75 0.83 -13.81
N MET B 253 -4.25 -0.08 -12.99
CA MET B 253 -4.93 -1.35 -12.75
C MET B 253 -5.06 -1.57 -11.25
N SER B 254 -6.27 -1.89 -10.81
CA SER B 254 -6.51 -2.38 -9.46
C SER B 254 -6.60 -3.90 -9.55
N GLY B 255 -5.53 -4.59 -9.15
CA GLY B 255 -5.54 -6.04 -9.12
C GLY B 255 -6.57 -6.62 -8.19
N LYS B 256 -6.99 -5.86 -7.18
CA LYS B 256 -8.00 -6.32 -6.24
C LYS B 256 -9.33 -6.68 -6.92
N LYS B 257 -9.49 -6.36 -8.20
CA LYS B 257 -10.70 -6.75 -8.92
C LYS B 257 -10.41 -7.94 -9.82
N ASP B 258 -10.13 -7.69 -11.10
CA ASP B 258 -10.07 -8.77 -12.08
C ASP B 258 -8.75 -9.54 -12.06
N CYS B 259 -7.83 -9.23 -11.16
CA CYS B 259 -6.64 -10.05 -10.98
C CYS B 259 -6.82 -11.12 -9.91
N LEU B 260 -8.02 -11.22 -9.32
CA LEU B 260 -8.38 -12.33 -8.44
C LEU B 260 -7.50 -12.39 -7.19
N VAL B 261 -7.20 -11.22 -6.62
CA VAL B 261 -6.39 -11.14 -5.41
C VAL B 261 -7.08 -10.25 -4.39
N ASN B 262 -6.51 -10.22 -3.19
CA ASN B 262 -7.07 -9.43 -2.09
C ASN B 262 -6.34 -8.11 -1.87
N ILE B 263 -5.23 -7.90 -2.58
CA ILE B 263 -4.46 -6.65 -2.53
C ILE B 263 -3.61 -6.60 -3.79
N GLY B 264 -3.27 -5.39 -4.22
CA GLY B 264 -2.38 -5.25 -5.36
C GLY B 264 -2.89 -4.42 -6.51
N GLY B 265 -1.96 -3.75 -7.20
CA GLY B 265 -2.25 -2.99 -8.40
C GLY B 265 -0.94 -2.73 -9.13
N PHE B 266 -1.05 -2.02 -10.25
CA PHE B 266 0.15 -1.63 -10.98
C PHE B 266 -0.19 -0.52 -11.97
N LEU B 267 0.88 0.08 -12.52
CA LEU B 267 0.78 1.16 -13.49
C LEU B 267 1.59 0.77 -14.72
N CYS B 268 0.97 0.89 -15.89
CA CYS B 268 1.61 0.54 -17.15
C CYS B 268 1.76 1.77 -18.03
N MET B 269 2.77 1.74 -18.90
CA MET B 269 3.00 2.77 -19.89
C MET B 269 4.02 2.27 -20.90
N ASN B 270 4.00 2.88 -22.08
CA ASN B 270 4.97 2.55 -23.12
C ASN B 270 6.10 3.57 -23.23
N ASP B 271 5.89 4.79 -22.74
CA ASP B 271 6.89 5.86 -22.87
C ASP B 271 8.04 5.63 -21.90
N ASP B 272 9.27 5.66 -22.42
CA ASP B 272 10.44 5.42 -21.59
C ASP B 272 10.68 6.57 -20.60
N GLU B 273 10.49 7.81 -21.05
CA GLU B 273 10.76 8.95 -20.19
C GLU B 273 9.75 9.04 -19.05
N MET B 274 8.47 8.79 -19.34
CA MET B 274 7.48 8.78 -18.26
C MET B 274 7.73 7.63 -17.30
N PHE B 275 8.17 6.48 -17.81
CA PHE B 275 8.51 5.36 -16.95
C PHE B 275 9.70 5.70 -16.05
N SER B 276 10.66 6.45 -16.57
CA SER B 276 11.79 6.88 -15.75
C SER B 276 11.31 7.76 -14.61
N SER B 277 10.40 8.70 -14.89
CA SER B 277 9.85 9.55 -13.84
C SER B 277 8.94 8.77 -12.90
N ALA B 278 8.28 7.71 -13.41
CA ALA B 278 7.41 6.90 -12.57
C ALA B 278 8.20 6.14 -11.51
N LYS B 279 9.38 5.64 -11.87
CA LYS B 279 10.21 4.93 -10.90
C LYS B 279 10.76 5.86 -9.84
N GLU B 280 10.97 7.13 -10.18
CA GLU B 280 11.43 8.10 -9.20
C GLU B 280 10.33 8.49 -8.23
N LEU B 281 9.08 8.50 -8.68
CA LEU B 281 7.96 8.90 -7.85
C LEU B 281 7.38 7.76 -7.03
N VAL B 282 7.56 6.51 -7.47
CA VAL B 282 6.99 5.39 -6.74
C VAL B 282 7.68 5.19 -5.41
N VAL B 283 8.96 5.56 -5.30
CA VAL B 283 9.68 5.41 -4.04
C VAL B 283 9.17 6.36 -2.97
N VAL B 284 8.49 7.44 -3.38
CA VAL B 284 7.99 8.41 -2.42
C VAL B 284 6.72 7.88 -1.73
N TYR B 285 5.81 7.29 -2.49
CA TYR B 285 4.50 6.93 -1.97
C TYR B 285 4.34 5.44 -1.70
N GLU B 286 4.80 4.58 -2.61
CA GLU B 286 4.54 3.15 -2.53
C GLU B 286 5.75 2.37 -2.04
N GLY B 287 6.88 2.50 -2.73
CA GLY B 287 8.07 1.74 -2.44
C GLY B 287 8.94 1.64 -3.68
N MET B 288 9.89 0.70 -3.63
CA MET B 288 10.80 0.52 -4.75
C MET B 288 10.03 0.11 -6.01
N PRO B 289 10.56 0.40 -7.19
CA PRO B 289 9.91 -0.07 -8.43
C PRO B 289 9.82 -1.59 -8.53
N SER B 290 10.52 -2.34 -7.67
CA SER B 290 10.55 -3.79 -7.74
C SER B 290 9.64 -4.45 -6.70
N TYR B 291 8.85 -3.67 -5.96
CA TYR B 291 7.81 -4.26 -5.13
C TYR B 291 6.64 -3.30 -4.96
N GLY B 292 6.92 -2.00 -4.98
CA GLY B 292 5.90 -0.97 -5.03
C GLY B 292 4.82 -1.06 -3.96
N GLY B 293 5.21 -1.27 -2.71
CA GLY B 293 4.24 -1.37 -1.64
C GLY B 293 3.57 -2.72 -1.51
N LEU B 294 4.08 -3.74 -2.20
CA LEU B 294 3.51 -5.08 -2.15
C LEU B 294 4.57 -6.06 -1.64
N ALA B 295 4.13 -7.00 -0.81
CA ALA B 295 4.98 -8.13 -0.49
C ALA B 295 5.24 -8.96 -1.75
N GLY B 296 6.38 -9.64 -1.76
CA GLY B 296 6.71 -10.47 -2.91
C GLY B 296 5.66 -11.52 -3.21
N ARG B 297 5.15 -12.17 -2.16
CA ARG B 297 4.12 -13.19 -2.34
C ARG B 297 2.86 -12.62 -2.99
N ASP B 298 2.60 -11.33 -2.80
CA ASP B 298 1.41 -10.72 -3.38
C ASP B 298 1.61 -10.38 -4.85
N MET B 299 2.81 -9.97 -5.25
CA MET B 299 3.11 -9.83 -6.67
C MET B 299 2.96 -11.17 -7.39
N GLU B 300 3.39 -12.25 -6.75
CA GLU B 300 3.24 -13.58 -7.33
C GLU B 300 1.77 -13.96 -7.48
N ALA B 301 0.98 -13.71 -6.43
CA ALA B 301 -0.45 -14.04 -6.49
C ALA B 301 -1.16 -13.24 -7.57
N MET B 302 -0.80 -11.98 -7.73
CA MET B 302 -1.45 -11.14 -8.75
C MET B 302 -1.05 -11.57 -10.15
N ALA B 303 0.21 -11.98 -10.34
CA ALA B 303 0.64 -12.50 -11.63
C ALA B 303 -0.08 -13.78 -12.00
N ILE B 304 -0.27 -14.67 -11.03
CA ILE B 304 -0.98 -15.93 -11.29
C ILE B 304 -2.46 -15.66 -11.51
N GLY B 305 -3.03 -14.75 -10.72
CA GLY B 305 -4.45 -14.44 -10.85
C GLY B 305 -4.78 -13.78 -12.19
N LEU B 306 -3.92 -12.90 -12.67
CA LEU B 306 -4.15 -12.26 -13.96
C LEU B 306 -4.19 -13.29 -15.08
N ARG B 307 -3.35 -14.33 -14.98
CA ARG B 307 -3.35 -15.38 -15.99
C ARG B 307 -4.57 -16.27 -15.85
N GLU B 308 -5.01 -16.51 -14.60
CA GLU B 308 -6.22 -17.31 -14.39
C GLU B 308 -7.46 -16.59 -14.90
N ALA B 309 -7.48 -15.26 -14.84
CA ALA B 309 -8.63 -14.49 -15.30
C ALA B 309 -8.87 -14.65 -16.80
N MET B 310 -7.84 -15.04 -17.56
CA MET B 310 -7.99 -15.19 -19.00
C MET B 310 -8.78 -16.44 -19.40
N GLN B 311 -9.07 -17.34 -18.46
CA GLN B 311 -9.80 -18.55 -18.80
C GLN B 311 -11.25 -18.20 -19.11
N TYR B 312 -11.73 -18.61 -20.29
CA TYR B 312 -13.08 -18.25 -20.71
C TYR B 312 -14.13 -18.76 -19.72
N GLU B 313 -13.97 -19.99 -19.24
CA GLU B 313 -15.01 -20.57 -18.38
C GLU B 313 -15.11 -19.82 -17.06
N TYR B 314 -13.99 -19.36 -16.51
CA TYR B 314 -14.05 -18.58 -15.28
C TYR B 314 -14.84 -17.28 -15.49
N ILE B 315 -14.45 -16.50 -16.51
CA ILE B 315 -15.04 -15.17 -16.65
C ILE B 315 -16.48 -15.26 -17.14
N GLU B 316 -16.81 -16.29 -17.92
CA GLU B 316 -18.21 -16.50 -18.31
C GLU B 316 -19.06 -16.77 -17.09
N HIS B 317 -18.59 -17.65 -16.19
CA HIS B 317 -19.35 -17.94 -14.98
C HIS B 317 -19.45 -16.72 -14.07
N ARG B 318 -18.36 -15.96 -13.95
CA ARG B 318 -18.37 -14.75 -13.13
C ARG B 318 -19.48 -13.80 -13.57
N VAL B 319 -19.52 -13.49 -14.87
CA VAL B 319 -20.51 -12.53 -15.37
C VAL B 319 -21.91 -13.13 -15.29
N LYS B 320 -22.05 -14.41 -15.62
CA LYS B 320 -23.38 -15.03 -15.64
C LYS B 320 -23.92 -15.32 -14.25
N GLN B 321 -23.07 -15.43 -13.24
CA GLN B 321 -23.57 -15.52 -11.87
C GLN B 321 -24.21 -14.21 -11.45
N VAL B 322 -23.60 -13.08 -11.81
CA VAL B 322 -24.21 -11.77 -11.54
C VAL B 322 -25.51 -11.62 -12.33
N ARG B 323 -25.50 -12.06 -13.59
CA ARG B 323 -26.69 -11.97 -14.42
C ARG B 323 -27.83 -12.81 -13.87
N TYR B 324 -27.50 -13.96 -13.27
CA TYR B 324 -28.52 -14.81 -12.66
C TYR B 324 -29.26 -14.07 -11.55
N LEU B 325 -28.51 -13.39 -10.69
CA LEU B 325 -29.15 -12.62 -9.62
C LEU B 325 -30.03 -11.51 -10.20
N GLY B 326 -29.54 -10.83 -11.23
CA GLY B 326 -30.34 -9.78 -11.85
C GLY B 326 -31.57 -10.32 -12.55
N ASP B 327 -31.45 -11.48 -13.20
CA ASP B 327 -32.59 -12.05 -13.90
C ASP B 327 -33.67 -12.52 -12.93
N LYS B 328 -33.26 -13.15 -11.82
CA LYS B 328 -34.25 -13.62 -10.86
C LYS B 328 -35.02 -12.46 -10.24
N LEU B 329 -34.34 -11.33 -9.99
CA LEU B 329 -35.00 -10.16 -9.44
C LEU B 329 -35.92 -9.52 -10.48
N LYS B 330 -35.46 -9.41 -11.72
CA LYS B 330 -36.29 -8.83 -12.77
C LYS B 330 -37.51 -9.68 -13.07
N ALA B 331 -37.38 -11.00 -12.98
CA ALA B 331 -38.51 -11.88 -13.27
C ALA B 331 -39.60 -11.79 -12.20
N ALA B 332 -39.24 -11.40 -10.98
CA ALA B 332 -40.20 -11.24 -9.90
C ALA B 332 -40.78 -9.83 -9.82
N GLY B 333 -40.32 -8.91 -10.67
CA GLY B 333 -40.81 -7.55 -10.65
C GLY B 333 -40.02 -6.59 -9.80
N VAL B 334 -38.86 -6.99 -9.31
CA VAL B 334 -38.04 -6.11 -8.47
C VAL B 334 -37.33 -5.10 -9.37
N PRO B 335 -37.44 -3.80 -9.08
CA PRO B 335 -36.83 -2.79 -9.96
C PRO B 335 -35.32 -2.74 -9.78
N ILE B 336 -34.59 -2.94 -10.87
CA ILE B 336 -33.13 -2.92 -10.86
C ILE B 336 -32.65 -2.00 -11.97
N VAL B 337 -31.36 -1.67 -11.91
CA VAL B 337 -30.70 -0.94 -12.98
C VAL B 337 -30.37 -1.89 -14.12
N GLU B 338 -30.64 -1.47 -15.35
CA GLU B 338 -30.42 -2.30 -16.51
C GLU B 338 -29.55 -1.58 -17.52
N PRO B 339 -28.71 -2.32 -18.27
CA PRO B 339 -28.50 -3.77 -18.13
C PRO B 339 -27.66 -4.13 -16.92
N VAL B 340 -27.67 -5.41 -16.55
CA VAL B 340 -26.85 -5.87 -15.43
C VAL B 340 -25.38 -5.77 -15.83
N GLY B 341 -24.57 -5.19 -14.95
CA GLY B 341 -23.16 -5.05 -15.21
C GLY B 341 -22.39 -6.34 -14.96
N GLY B 342 -21.07 -6.22 -15.05
CA GLY B 342 -20.21 -7.39 -14.89
C GLY B 342 -19.97 -7.80 -13.46
N HIS B 343 -20.16 -6.90 -12.50
CA HIS B 343 -19.73 -7.15 -11.12
C HIS B 343 -20.80 -6.91 -10.07
N ALA B 344 -21.96 -6.36 -10.41
CA ALA B 344 -22.94 -6.02 -9.39
C ALA B 344 -24.33 -5.88 -10.00
N VAL B 345 -25.33 -6.03 -9.15
CA VAL B 345 -26.72 -5.71 -9.47
C VAL B 345 -27.15 -4.54 -8.61
N PHE B 346 -27.73 -3.52 -9.24
CA PHE B 346 -28.14 -2.29 -8.55
C PHE B 346 -29.67 -2.30 -8.42
N LEU B 347 -30.15 -2.38 -7.19
CA LEU B 347 -31.58 -2.21 -6.94
C LEU B 347 -31.97 -0.74 -7.04
N ASP B 348 -33.09 -0.47 -7.69
CA ASP B 348 -33.60 0.90 -7.77
C ASP B 348 -34.41 1.17 -6.51
N ALA B 349 -33.74 1.72 -5.50
CA ALA B 349 -34.41 2.00 -4.22
C ALA B 349 -35.45 3.10 -4.34
N ARG B 350 -35.37 3.94 -5.37
CA ARG B 350 -36.40 4.95 -5.59
C ARG B 350 -37.75 4.29 -5.86
N ARG B 351 -37.77 3.30 -6.75
CA ARG B 351 -39.01 2.58 -7.02
C ARG B 351 -39.31 1.54 -5.95
N PHE B 352 -38.27 0.94 -5.37
CA PHE B 352 -38.49 -0.04 -4.30
C PHE B 352 -39.19 0.60 -3.11
N CYS B 353 -38.81 1.83 -2.78
CA CYS B 353 -39.39 2.52 -1.63
C CYS B 353 -40.09 3.80 -2.07
N GLU B 354 -41.10 3.66 -2.94
CA GLU B 354 -41.84 4.82 -3.44
C GLU B 354 -42.52 5.58 -2.31
N HIS B 355 -42.93 4.89 -1.25
CA HIS B 355 -43.59 5.54 -0.12
C HIS B 355 -42.65 6.40 0.70
N LEU B 356 -41.38 6.51 0.33
CA LEU B 356 -40.40 7.29 1.08
C LEU B 356 -39.76 8.33 0.19
N THR B 357 -39.60 9.55 0.72
CA THR B 357 -38.89 10.59 0.02
C THR B 357 -37.39 10.32 0.09
N GLN B 358 -36.64 10.99 -0.80
CA GLN B 358 -35.19 10.79 -0.81
C GLN B 358 -34.54 11.32 0.46
N ASP B 359 -35.12 12.37 1.05
CA ASP B 359 -34.61 12.89 2.32
C ASP B 359 -34.80 11.91 3.48
N GLU B 360 -35.53 10.81 3.26
CA GLU B 360 -35.69 9.76 4.26
C GLU B 360 -34.72 8.61 4.04
N PHE B 361 -33.80 8.76 3.08
CA PHE B 361 -32.74 7.80 2.77
C PHE B 361 -33.31 6.41 2.47
N PRO B 362 -34.06 6.25 1.38
CA PRO B 362 -34.63 4.92 1.09
C PRO B 362 -33.59 3.85 0.80
N ALA B 363 -32.51 4.19 0.09
CA ALA B 363 -31.48 3.21 -0.20
C ALA B 363 -30.78 2.75 1.07
N GLN B 364 -30.52 3.67 2.00
CA GLN B 364 -29.90 3.30 3.26
C GLN B 364 -30.83 2.42 4.09
N SER B 365 -32.14 2.75 4.10
CA SER B 365 -33.10 1.97 4.86
C SER B 365 -33.33 0.61 4.22
N LEU B 366 -33.31 0.55 2.88
CA LEU B 366 -33.46 -0.73 2.21
C LEU B 366 -32.28 -1.66 2.50
N ALA B 367 -31.07 -1.10 2.52
CA ALA B 367 -29.89 -1.91 2.83
C ALA B 367 -29.95 -2.46 4.24
N ALA B 368 -30.42 -1.66 5.19
CA ALA B 368 -30.56 -2.14 6.57
C ALA B 368 -31.56 -3.28 6.65
N SER B 369 -32.70 -3.13 5.98
CA SER B 369 -33.71 -4.20 6.00
C SER B 369 -33.20 -5.45 5.31
N ILE B 370 -32.41 -5.30 4.24
CA ILE B 370 -31.87 -6.45 3.54
C ILE B 370 -30.99 -7.29 4.47
N TYR B 371 -30.15 -6.63 5.27
CA TYR B 371 -29.29 -7.38 6.19
C TYR B 371 -30.10 -8.10 7.26
N VAL B 372 -31.03 -7.39 7.89
CA VAL B 372 -31.81 -7.98 8.98
C VAL B 372 -32.58 -9.20 8.49
N GLU B 373 -33.15 -9.10 7.28
CA GLU B 373 -33.98 -10.19 6.76
C GLU B 373 -33.16 -11.37 6.25
N THR B 374 -31.94 -11.13 5.77
CA THR B 374 -31.18 -12.18 5.09
C THR B 374 -29.77 -12.41 5.61
N GLY B 375 -29.17 -11.46 6.34
CA GLY B 375 -27.76 -11.56 6.63
C GLY B 375 -26.86 -11.21 5.48
N VAL B 376 -27.37 -10.42 4.52
CA VAL B 376 -26.60 -9.98 3.36
C VAL B 376 -26.28 -8.51 3.54
N ARG B 377 -25.00 -8.16 3.42
CA ARG B 377 -24.58 -6.77 3.45
C ARG B 377 -24.49 -6.25 2.02
N SER B 378 -25.09 -5.09 1.77
CA SER B 378 -25.02 -4.40 0.50
C SER B 378 -24.59 -2.96 0.77
N MET B 379 -24.28 -2.23 -0.30
CA MET B 379 -23.78 -0.87 -0.18
C MET B 379 -24.84 0.12 -0.62
N GLU B 380 -25.04 1.16 0.19
CA GLU B 380 -25.87 2.28 -0.22
C GLU B 380 -25.15 3.08 -1.29
N ARG B 381 -25.84 3.34 -2.40
CA ARG B 381 -25.31 4.18 -3.48
CA ARG B 381 -25.32 4.17 -3.49
C ARG B 381 -26.40 5.19 -3.86
N GLY B 382 -26.62 6.16 -2.97
CA GLY B 382 -27.63 7.17 -3.18
C GLY B 382 -27.28 8.51 -2.56
N ILE B 383 -28.25 9.09 -1.84
CA ILE B 383 -28.08 10.43 -1.31
C ILE B 383 -27.04 10.47 -0.20
N ILE B 384 -26.95 9.41 0.61
CA ILE B 384 -25.97 9.38 1.69
C ILE B 384 -24.55 9.39 1.13
N SER B 385 -24.29 8.50 0.16
CA SER B 385 -22.99 8.48 -0.52
C SER B 385 -22.73 9.74 -1.33
N ALA B 386 -23.79 10.46 -1.71
CA ALA B 386 -23.61 11.68 -2.50
C ALA B 386 -22.95 12.79 -1.70
N GLY B 387 -23.16 12.82 -0.38
CA GLY B 387 -22.55 13.83 0.45
C GLY B 387 -23.33 15.13 0.50
N ARG B 388 -22.63 16.17 0.93
CA ARG B 388 -23.19 17.51 1.13
C ARG B 388 -22.34 18.54 0.42
N ASN B 389 -22.94 19.29 -0.50
CA ASN B 389 -22.32 20.50 -1.00
C ASN B 389 -21.99 21.37 0.20
N ASN B 390 -20.70 21.58 0.46
CA ASN B 390 -20.27 22.26 1.67
C ASN B 390 -20.33 23.78 1.56
N VAL B 391 -20.52 24.33 0.36
CA VAL B 391 -20.69 25.77 0.24
C VAL B 391 -22.07 26.18 0.75
N THR B 392 -23.07 25.32 0.57
CA THR B 392 -24.44 25.60 1.01
C THR B 392 -24.90 24.72 2.16
N GLY B 393 -24.37 23.51 2.28
CA GLY B 393 -24.75 22.60 3.35
C GLY B 393 -25.88 21.64 3.02
N GLU B 394 -26.49 21.77 1.85
CA GLU B 394 -27.62 20.92 1.50
C GLU B 394 -27.15 19.58 0.95
N HIS B 395 -28.08 18.63 0.90
CA HIS B 395 -27.79 17.31 0.34
C HIS B 395 -27.47 17.40 -1.14
N HIS B 396 -26.48 16.61 -1.58
CA HIS B 396 -26.35 16.32 -2.99
C HIS B 396 -27.39 15.26 -3.35
N ARG B 397 -28.20 15.54 -4.36
CA ARG B 397 -29.32 14.67 -4.71
C ARG B 397 -29.07 14.00 -6.05
N PRO B 398 -28.67 12.73 -6.07
CA PRO B 398 -28.41 12.05 -7.34
C PRO B 398 -29.68 11.52 -7.98
N LYS B 399 -29.63 11.42 -9.31
CA LYS B 399 -30.72 10.79 -10.05
C LYS B 399 -30.86 9.32 -9.67
N LEU B 400 -29.75 8.68 -9.31
CA LEU B 400 -29.74 7.26 -8.95
C LEU B 400 -29.77 7.12 -7.44
N GLU B 401 -30.80 6.46 -6.93
CA GLU B 401 -30.95 6.10 -5.52
C GLU B 401 -30.97 4.58 -5.50
N THR B 402 -29.80 3.96 -5.32
CA THR B 402 -29.64 2.54 -5.55
C THR B 402 -28.96 1.86 -4.37
N VAL B 403 -29.16 0.55 -4.29
CA VAL B 403 -28.45 -0.33 -3.38
C VAL B 403 -27.64 -1.29 -4.23
N ARG B 404 -26.32 -1.33 -4.00
CA ARG B 404 -25.41 -2.10 -4.84
C ARG B 404 -25.16 -3.47 -4.22
N LEU B 405 -25.46 -4.52 -4.98
CA LEU B 405 -25.15 -5.90 -4.61
C LEU B 405 -23.92 -6.30 -5.40
N THR B 406 -22.74 -6.14 -4.80
CA THR B 406 -21.46 -6.36 -5.47
C THR B 406 -20.96 -7.76 -5.16
N ILE B 407 -20.64 -8.52 -6.20
CA ILE B 407 -20.35 -9.95 -6.09
C ILE B 407 -18.84 -10.15 -6.14
N PRO B 408 -18.20 -10.57 -5.06
CA PRO B 408 -16.79 -10.97 -5.15
C PRO B 408 -16.63 -12.20 -6.03
N ARG B 409 -15.43 -12.35 -6.59
CA ARG B 409 -15.18 -13.41 -7.57
C ARG B 409 -14.85 -14.72 -6.86
N ARG B 410 -15.56 -15.79 -7.25
CA ARG B 410 -15.30 -17.16 -6.82
C ARG B 410 -15.56 -17.39 -5.34
N VAL B 411 -16.35 -16.53 -4.69
CA VAL B 411 -16.60 -16.64 -3.26
C VAL B 411 -17.97 -17.28 -2.98
N TYR B 412 -18.98 -16.98 -3.79
CA TYR B 412 -20.34 -17.40 -3.52
C TYR B 412 -20.86 -18.28 -4.65
N THR B 413 -21.96 -18.98 -4.36
CA THR B 413 -22.61 -19.91 -5.28
C THR B 413 -23.95 -19.36 -5.75
N TYR B 414 -24.59 -20.10 -6.65
CA TYR B 414 -25.96 -19.76 -7.05
C TYR B 414 -26.94 -19.86 -5.87
N ALA B 415 -26.71 -20.81 -4.97
CA ALA B 415 -27.58 -20.91 -3.79
C ALA B 415 -27.45 -19.70 -2.89
N HIS B 416 -26.25 -19.11 -2.82
CA HIS B 416 -26.10 -17.84 -2.11
C HIS B 416 -26.83 -16.71 -2.82
N MET B 417 -26.81 -16.72 -4.16
CA MET B 417 -27.57 -15.74 -4.92
C MET B 417 -29.07 -15.92 -4.70
N ASP B 418 -29.53 -17.16 -4.54
CA ASP B 418 -30.93 -17.40 -4.23
C ASP B 418 -31.31 -16.83 -2.88
N VAL B 419 -30.41 -16.92 -1.90
CA VAL B 419 -30.66 -16.33 -0.59
C VAL B 419 -30.84 -14.82 -0.72
N VAL B 420 -29.97 -14.17 -1.50
CA VAL B 420 -30.10 -12.73 -1.72
C VAL B 420 -31.41 -12.41 -2.42
N ALA B 421 -31.69 -13.12 -3.52
CA ALA B 421 -32.89 -12.83 -4.31
C ALA B 421 -34.17 -13.10 -3.51
N ASP B 422 -34.27 -14.31 -2.93
CA ASP B 422 -35.51 -14.69 -2.24
C ASP B 422 -35.81 -13.74 -1.09
N GLY B 423 -34.78 -13.25 -0.40
CA GLY B 423 -35.02 -12.31 0.69
C GLY B 423 -35.47 -10.95 0.20
N ILE B 424 -34.86 -10.46 -0.88
CA ILE B 424 -35.26 -9.16 -1.44
C ILE B 424 -36.65 -9.26 -2.04
N ILE B 425 -36.97 -10.39 -2.68
CA ILE B 425 -38.29 -10.58 -3.25
C ILE B 425 -39.37 -10.60 -2.17
N LYS B 426 -39.08 -11.27 -1.05
CA LYS B 426 -40.02 -11.24 0.07
C LYS B 426 -40.16 -9.84 0.64
N LEU B 427 -39.05 -9.10 0.75
CA LEU B 427 -39.12 -7.71 1.20
C LEU B 427 -39.95 -6.87 0.25
N TYR B 428 -39.78 -7.09 -1.06
CA TYR B 428 -40.51 -6.30 -2.06
C TYR B 428 -42.01 -6.55 -2.00
N GLN B 429 -42.42 -7.76 -1.58
CA GLN B 429 -43.85 -8.06 -1.49
C GLN B 429 -44.52 -7.34 -0.33
N HIS B 430 -43.76 -6.84 0.64
CA HIS B 430 -44.30 -5.98 1.69
CA HIS B 430 -44.26 -6.01 1.72
C HIS B 430 -43.43 -4.74 1.84
N LYS B 431 -42.98 -4.19 0.71
CA LYS B 431 -42.08 -3.05 0.70
C LYS B 431 -42.68 -1.82 1.37
N GLU B 432 -44.00 -1.74 1.51
CA GLU B 432 -44.62 -0.61 2.18
C GLU B 432 -44.27 -0.55 3.67
N ASP B 433 -43.81 -1.67 4.24
CA ASP B 433 -43.46 -1.71 5.66
C ASP B 433 -42.06 -1.19 5.94
N ILE B 434 -41.27 -0.90 4.90
CA ILE B 434 -39.93 -0.38 5.09
C ILE B 434 -40.03 1.08 5.51
N ARG B 435 -39.48 1.40 6.67
CA ARG B 435 -39.59 2.74 7.23
C ARG B 435 -38.36 3.58 6.87
N GLY B 436 -38.51 4.90 7.03
CA GLY B 436 -37.43 5.81 6.72
C GLY B 436 -36.42 5.94 7.85
N LEU B 437 -35.33 6.63 7.56
CA LEU B 437 -34.29 6.88 8.54
C LEU B 437 -34.02 8.37 8.68
N LYS B 438 -33.45 8.73 9.83
CA LYS B 438 -33.02 10.08 10.14
C LYS B 438 -31.61 10.04 10.72
N PHE B 439 -30.80 11.04 10.37
CA PHE B 439 -29.49 11.17 10.97
C PHE B 439 -29.60 11.32 12.49
N ILE B 440 -28.72 10.62 13.22
CA ILE B 440 -28.58 10.87 14.65
C ILE B 440 -27.12 11.23 14.89
N TYR B 441 -26.24 10.71 14.03
CA TYR B 441 -24.85 11.11 13.98
C TYR B 441 -24.47 11.35 12.52
N GLU B 442 -23.81 12.47 12.23
CA GLU B 442 -23.35 12.72 10.88
C GLU B 442 -21.95 13.32 10.95
N PRO B 443 -20.98 12.75 10.25
CA PRO B 443 -19.62 13.30 10.26
C PRO B 443 -19.51 14.48 9.31
N LYS B 444 -18.34 15.13 9.37
CA LYS B 444 -18.07 16.26 8.49
C LYS B 444 -17.93 15.80 7.04
N GLN B 445 -16.95 14.96 6.75
CA GLN B 445 -16.74 14.43 5.40
C GLN B 445 -16.95 12.93 5.37
N LEU B 446 -17.21 12.43 4.16
CA LEU B 446 -17.53 11.03 3.89
C LEU B 446 -18.48 10.45 4.93
N ARG B 447 -19.77 10.78 4.80
CA ARG B 447 -20.76 10.33 5.78
C ARG B 447 -21.17 8.88 5.59
N ALA B 448 -21.02 8.33 4.38
CA ALA B 448 -21.44 6.96 4.12
C ALA B 448 -20.74 5.94 5.01
N PHE B 449 -19.55 6.26 5.50
CA PHE B 449 -18.75 5.27 6.22
C PHE B 449 -19.05 5.21 7.71
N THR B 450 -19.45 6.32 8.32
CA THR B 450 -19.57 6.38 9.78
C THR B 450 -20.88 6.96 10.30
N ALA B 451 -21.77 7.45 9.44
CA ALA B 451 -23.01 8.03 9.92
C ALA B 451 -23.89 6.98 10.56
N ARG B 452 -24.70 7.41 11.53
CA ARG B 452 -25.64 6.55 12.23
C ARG B 452 -27.04 7.12 12.08
N PHE B 453 -28.04 6.23 12.12
CA PHE B 453 -29.41 6.59 11.83
C PHE B 453 -30.34 5.96 12.85
N ASP B 454 -31.63 6.17 12.64
CA ASP B 454 -32.68 5.59 13.45
C ASP B 454 -33.98 5.70 12.66
N TYR B 455 -34.92 4.82 12.98
CA TYR B 455 -36.21 4.82 12.29
C TYR B 455 -37.05 6.05 12.66
N ILE B 456 -37.76 6.57 11.66
CA ILE B 456 -38.64 7.72 11.85
C ILE B 456 -40.00 7.23 12.36
K K C . 9.02 -7.76 1.43
C P61 D . 15.78 1.00 5.15
F P61 D . 17.03 2.83 0.36
N P61 D . 13.72 1.89 5.96
O P61 D . 16.41 0.29 4.34
P P61 D . 8.79 2.10 4.77
N1 P61 D . 11.61 5.53 8.93
C2 P61 D . 12.78 4.88 9.08
C3 P61 D . 13.23 3.88 8.09
O3 P61 D . 14.39 3.25 8.25
C4 P61 D . 12.32 3.64 6.94
C5 P61 D . 11.06 4.40 6.89
C6 P61 D . 10.75 5.32 7.89
CA P61 D . 14.40 1.38 4.93
CB P61 D . 13.75 1.10 3.58
CG P61 D . 14.28 2.17 2.63
OH P61 D . 15.68 5.08 0.06
CZ P61 D . 15.19 4.15 0.92
O1P P61 D . 7.92 3.04 4.00
C2A P61 D . 13.68 5.16 10.24
O2P P61 D . 9.98 1.60 3.99
O3P P61 D . 8.04 1.03 5.54
C4A P61 D . 12.65 2.65 5.87
O4P P61 D . 9.38 2.98 5.98
C5A P61 D . 10.09 4.19 5.74
CD1 P61 D . 15.46 1.97 1.92
CD2 P61 D . 13.55 3.36 2.48
CE1 P61 D . 15.90 2.98 1.06
CE2 P61 D . 13.99 4.37 1.62
OXT P61 D . 16.30 1.43 6.21
K K E . -8.89 -7.48 1.11
O22 P33 F . 30.96 -22.09 9.70
C21 P33 F . 31.06 -21.61 11.02
C20 P33 F . 31.06 -22.80 12.00
O19 P33 F . 31.49 -22.36 13.25
C18 P33 F . 30.65 -22.73 14.30
C17 P33 F . 31.03 -21.96 15.56
O16 P33 F . 31.24 -20.61 15.24
C15 P33 F . 31.15 -19.74 16.34
C14 P33 F . 29.77 -19.08 16.37
O13 P33 F . 29.46 -18.71 17.68
C12 P33 F . 28.26 -18.01 17.81
C11 P33 F . 27.82 -18.00 19.27
O10 P33 F . 26.80 -18.93 19.46
C9 P33 F . 27.04 -19.84 20.50
C8 P33 F . 25.73 -20.21 21.19
O7 P33 F . 25.74 -19.75 22.50
C6 P33 F . 25.36 -20.71 23.44
C5 P33 F . 26.45 -20.85 24.50
O4 P33 F . 26.07 -21.78 25.45
C3 P33 F . 26.19 -21.33 26.77
C2 P33 F . 27.68 -21.20 27.12
O1 P33 F . 27.81 -20.68 28.41
C P61 G . -15.70 -0.35 -5.31
F P61 G . -16.47 2.55 -1.20
N P61 G . -13.58 0.22 -6.71
O P61 G . -16.34 0.11 -6.30
P P61 G . -8.28 0.54 -5.32
N1 P61 G . -11.18 2.49 -10.59
C2 P61 G . -12.39 1.87 -10.52
C3 P61 G . -12.79 1.31 -9.26
O3 P61 G . -13.94 0.72 -9.21
C4 P61 G . -11.95 1.41 -8.11
C5 P61 G . -10.71 2.06 -8.24
C6 P61 G . -10.33 2.61 -9.50
CA P61 G . -14.04 -0.43 -5.43
CB P61 G . -13.30 0.14 -4.14
CG P61 G . -13.85 1.45 -3.55
OH P61 G . -15.31 5.07 -1.86
CZ P61 G . -14.87 3.87 -2.38
O1P P61 G . -9.61 0.42 -4.62
C2A P61 G . -13.35 1.73 -11.69
O2P P61 G . -7.49 1.79 -5.00
O3P P61 G . -7.53 -0.72 -5.70
C4A P61 G . -12.38 0.81 -6.84
O4P P61 G . -8.93 1.09 -6.97
C5A P61 G . -9.74 2.18 -7.00
CD1 P61 G . -14.92 1.41 -2.64
CD2 P61 G . -13.28 2.73 -3.84
CE1 P61 G . -15.41 2.61 -2.08
CE2 P61 G . -13.77 3.94 -3.28
OXT P61 G . -16.20 -0.81 -4.25
#